data_6EJ7
#
_entry.id   6EJ7
#
_cell.length_a   67.460
_cell.length_b   86.890
_cell.length_c   152.910
_cell.angle_alpha   90.000
_cell.angle_beta   90.000
_cell.angle_gamma   90.000
#
_symmetry.space_group_name_H-M   'P 21 21 21'
#
loop_
_entity.id
_entity.type
_entity.pdbx_description
1 polymer 'Xylosyltransferase 1'
2 polymer 'Protein AMBP'
3 non-polymer 2-acetamido-2-deoxy-beta-D-glucopyranose
4 non-polymer "URIDINE-5'-DIPHOSPHATE-XYLOPYRANOSE"
5 non-polymer 'SODIUM ION'
6 non-polymer 'PHOSPHATE ION'
7 non-polymer 1,2-ETHANEDIOL
8 non-polymer DI(HYDROXYETHYL)ETHER
9 water water
#
loop_
_entity_poly.entity_id
_entity_poly.type
_entity_poly.pdbx_seq_one_letter_code
_entity_poly.pdbx_strand_id
1 'polypeptide(L)'
;APLVHHHHHHALDENLYFQGALADVSRPPHARKTGGSSPETKYDQPPKCDISGKEAISALSRAKSKHCRQEIGETYCRHK
LGLLMPEKVTRFCPLEGKANKNVQWDEDSVEYMPANPVRIAFVLVVHGRASRQLQRMFKAIYHKDHFYYIHVDKRSNYLH
RQVLQVSRQYSNVRVTPWRMATIWGGASLLSTYLQSMRDLLEMTDWPWDFFINLSAADYPIRTNDQLVAFLSRYRDMNFL
KSHGRDNARFIRKQGLDRLFLECDAHMWRLGDRRIPEGIAVDGGSDWFLLNRRFVEYVTFSTDDLVTKMKQFYSYTLLPA
ESFFHTVLENSPHCDTMVDNNLRITNWNRKLGCKCQYKHIVDWCGCSPNDFKPQDFHRFQQTARPTFFARKFEAVVNQEI
IGQLDYYLYGNYPAGTPGLRSYWENVYDEPDGIHSLSDVTLTLYHSFARLGLRRAETSLHTDGENSCRYYPMGHPASVHL
YFLADRFQGFLIKHHATNLAVSKLETLETWVMPKKVFKIASPPSDFGRLQFSEVGTDWDAKERLFRNFGGLLGPMDEPVG
MQKWGKGPNVTVTVIWVDPVNVIAATYDILIESTAEFTHYKPPLNLPLRPGVWTVKILHHWVPVAETKFLVAPLTFSNRQ
PIKPEEALKLHNGPLRNAYMEQSFQSLNPVLSLPINPAQVEQARRNAASTGTALEGWLDSLVGGMWTAMDICATGPTACP
VMQTCSQTAWSSFSPDPKSELGAVKPDGRLR
;
A
2 'polypeptide(L)' QEEEGAGGGQGG B
#
loop_
_chem_comp.id
_chem_comp.type
_chem_comp.name
_chem_comp.formula
EDO non-polymer 1,2-ETHANEDIOL 'C2 H6 O2'
NA non-polymer 'SODIUM ION' 'Na 1'
NAG D-saccharide, beta linking 2-acetamido-2-deoxy-beta-D-glucopyranose 'C8 H15 N O6'
PEG non-polymer DI(HYDROXYETHYL)ETHER 'C4 H10 O3'
PO4 non-polymer 'PHOSPHATE ION' 'O4 P -3'
UDX non-polymer URIDINE-5'-DIPHOSPHATE-XYLOPYRANOSE 'C14 H22 N2 O16 P2'
#
# COMPACT_ATOMS: atom_id res chain seq x y z
N ASP A 44 19.17 31.87 7.90
CA ASP A 44 20.18 31.01 7.29
C ASP A 44 21.53 31.21 7.95
N GLN A 45 21.95 30.21 8.76
CA GLN A 45 23.22 30.27 9.47
C GLN A 45 24.25 29.39 8.79
N PRO A 46 25.47 29.85 8.54
CA PRO A 46 26.46 29.02 7.85
C PRO A 46 26.84 27.81 8.69
N PRO A 47 27.33 26.75 8.05
CA PRO A 47 27.64 25.52 8.79
C PRO A 47 28.84 25.70 9.71
N LYS A 48 29.03 24.71 10.59
CA LYS A 48 30.14 24.70 11.52
C LYS A 48 31.45 24.26 10.88
N CYS A 49 31.41 23.68 9.67
CA CYS A 49 32.60 23.25 8.97
C CYS A 49 32.37 23.42 7.49
N ASP A 50 33.46 23.50 6.73
CA ASP A 50 33.37 23.52 5.28
C ASP A 50 32.76 22.22 4.78
N ILE A 51 31.74 22.32 3.93
CA ILE A 51 31.02 21.16 3.41
C ILE A 51 31.36 21.03 1.93
N SER A 52 32.14 20.00 1.58
CA SER A 52 32.59 19.79 0.22
C SER A 52 32.10 18.48 -0.39
N GLY A 53 31.50 17.59 0.39
CA GLY A 53 31.03 16.32 -0.16
C GLY A 53 29.88 16.52 -1.13
N LYS A 54 29.99 15.91 -2.31
CA LYS A 54 28.95 16.09 -3.33
C LYS A 54 27.60 15.55 -2.85
N GLU A 55 27.61 14.43 -2.12
CA GLU A 55 26.36 13.86 -1.65
C GLU A 55 25.69 14.77 -0.62
N ALA A 56 26.47 15.35 0.28
CA ALA A 56 25.90 16.25 1.28
C ALA A 56 25.35 17.52 0.63
N ILE A 57 26.08 18.07 -0.35
CA ILE A 57 25.61 19.25 -1.06
C ILE A 57 24.27 18.96 -1.74
N SER A 58 24.16 17.80 -2.40
CA SER A 58 22.91 17.43 -3.05
C SER A 58 21.77 17.35 -2.05
N ALA A 59 22.00 16.72 -0.90
CA ALA A 59 20.96 16.63 0.12
C ALA A 59 20.55 18.02 0.62
N LEU A 60 21.54 18.89 0.87
CA LEU A 60 21.22 20.24 1.33
C LEU A 60 20.38 21.00 0.30
N SER A 61 20.63 20.76 -0.98
CA SER A 61 19.89 21.46 -2.03
C SER A 61 18.46 20.95 -2.14
N ARG A 62 18.22 19.69 -1.79
CA ARG A 62 16.90 19.08 -1.95
C ARG A 62 16.06 19.11 -0.68
N ALA A 63 16.67 19.29 0.49
CA ALA A 63 15.91 19.35 1.73
C ALA A 63 15.06 20.60 1.77
N LYS A 64 13.92 20.52 2.46
CA LYS A 64 12.91 21.56 2.43
C LYS A 64 12.89 22.42 3.69
N SER A 65 12.93 21.79 4.86
CA SER A 65 12.91 22.55 6.11
C SER A 65 14.31 22.97 6.51
N LYS A 66 14.40 24.10 7.21
CA LYS A 66 15.72 24.55 7.69
C LYS A 66 16.20 23.69 8.85
N HIS A 67 15.28 23.16 9.65
CA HIS A 67 15.67 22.20 10.68
C HIS A 67 16.35 20.99 10.06
N CYS A 68 15.87 20.56 8.89
CA CYS A 68 16.46 19.40 8.23
C CYS A 68 17.82 19.74 7.66
N ARG A 69 17.97 20.92 7.06
CA ARG A 69 19.26 21.32 6.52
C ARG A 69 20.29 21.47 7.63
N GLN A 70 19.87 21.99 8.79
CA GLN A 70 20.80 22.13 9.91
C GLN A 70 21.28 20.77 10.40
N GLU A 71 20.36 19.81 10.55
CA GLU A 71 20.75 18.48 11.03
C GLU A 71 21.66 17.78 10.02
N ILE A 72 21.42 17.98 8.73
CA ILE A 72 22.30 17.42 7.71
C ILE A 72 23.72 17.96 7.91
N GLY A 73 23.85 19.28 8.08
CA GLY A 73 25.17 19.86 8.23
C GLY A 73 25.88 19.40 9.48
N GLU A 74 25.16 19.34 10.60
CA GLU A 74 25.76 18.86 11.84
C GLU A 74 26.26 17.43 11.70
N THR A 75 25.42 16.55 11.15
CA THR A 75 25.81 15.16 10.99
C THR A 75 27.05 15.03 10.12
N TYR A 76 27.09 15.76 9.00
CA TYR A 76 28.24 15.72 8.11
C TYR A 76 29.50 16.22 8.81
N CYS A 77 29.40 17.36 9.50
CA CYS A 77 30.58 17.95 10.13
C CYS A 77 31.12 17.09 11.25
N ARG A 78 30.24 16.49 12.06
CA ARG A 78 30.69 15.60 13.13
C ARG A 78 31.39 14.37 12.55
N HIS A 79 30.87 13.82 11.45
CA HIS A 79 31.54 12.69 10.81
C HIS A 79 32.86 13.12 10.20
N LYS A 80 32.92 14.32 9.64
CA LYS A 80 34.15 14.81 9.01
C LYS A 80 35.29 14.91 10.02
N LEU A 81 34.98 15.19 11.28
CA LEU A 81 35.98 15.24 12.34
C LEU A 81 36.24 13.89 12.99
N GLY A 82 35.55 12.84 12.55
CA GLY A 82 35.75 11.52 13.12
C GLY A 82 35.14 11.29 14.48
N LEU A 83 34.10 12.04 14.83
CA LEU A 83 33.47 11.94 16.15
C LEU A 83 32.10 11.28 16.11
N LEU A 84 31.65 10.79 14.95
CA LEU A 84 30.31 10.25 14.82
C LEU A 84 30.27 8.72 14.84
N MET A 85 31.10 8.08 14.02
CA MET A 85 31.03 6.64 13.84
C MET A 85 32.15 5.93 14.61
N PRO A 86 31.88 4.79 15.24
CA PRO A 86 32.95 4.01 15.84
C PRO A 86 33.80 3.33 14.78
N GLU A 87 35.10 3.20 15.08
CA GLU A 87 36.05 2.61 14.15
C GLU A 87 36.52 1.22 14.55
N LYS A 88 36.46 0.87 15.83
CA LYS A 88 36.81 -0.48 16.27
C LYS A 88 35.86 -0.89 17.39
N VAL A 89 35.49 -2.17 17.41
CA VAL A 89 34.51 -2.69 18.34
C VAL A 89 34.98 -4.01 18.91
N THR A 90 34.64 -4.27 20.18
CA THR A 90 35.01 -5.50 20.83
C THR A 90 34.07 -6.64 20.45
N ARG A 91 34.64 -7.80 20.21
CA ARG A 91 33.89 -9.03 19.92
C ARG A 91 33.94 -9.93 21.14
N PHE A 92 32.77 -10.30 21.67
CA PHE A 92 32.68 -11.12 22.87
C PHE A 92 32.41 -12.59 22.59
N CYS A 93 32.11 -12.95 21.34
CA CYS A 93 31.76 -14.33 21.04
C CYS A 93 32.98 -15.24 21.16
N PRO A 94 32.90 -16.33 21.91
CA PRO A 94 34.04 -17.25 22.00
C PRO A 94 34.29 -18.05 20.73
N LEU A 95 33.28 -18.23 19.88
CA LEU A 95 33.43 -19.04 18.68
C LEU A 95 34.38 -18.36 17.69
N GLU A 96 34.95 -19.18 16.81
CA GLU A 96 35.79 -18.66 15.74
C GLU A 96 34.97 -18.08 14.59
N GLY A 97 33.74 -18.57 14.39
CA GLY A 97 32.88 -18.08 13.31
C GLY A 97 31.44 -18.16 13.71
N LYS A 98 30.60 -18.63 12.79
CA LYS A 98 29.17 -18.74 13.02
C LYS A 98 28.83 -20.08 13.65
N ALA A 99 27.62 -20.17 14.20
CA ALA A 99 27.14 -21.38 14.85
C ALA A 99 26.13 -22.13 13.98
N ASN A 100 25.02 -21.48 13.63
CA ASN A 100 23.93 -22.12 12.89
C ASN A 100 23.61 -23.49 13.47
N LYS A 101 23.02 -23.50 14.67
CA LYS A 101 22.60 -24.75 15.29
C LYS A 101 21.35 -25.28 14.59
N ASN A 102 21.47 -26.44 13.95
CA ASN A 102 20.38 -26.98 13.15
C ASN A 102 19.21 -27.41 14.04
N VAL A 103 18.06 -27.58 13.41
CA VAL A 103 16.83 -28.03 14.06
C VAL A 103 16.33 -29.26 13.33
N GLN A 104 16.14 -30.35 14.07
CA GLN A 104 15.68 -31.60 13.49
C GLN A 104 14.22 -31.46 13.08
N TRP A 105 13.97 -31.34 11.77
CA TRP A 105 12.61 -31.10 11.27
C TRP A 105 11.95 -32.43 10.95
N ASP A 106 11.46 -33.08 12.00
CA ASP A 106 10.65 -34.29 11.89
C ASP A 106 9.20 -33.95 12.19
N GLU A 107 8.32 -34.91 11.89
CA GLU A 107 6.90 -34.71 12.15
C GLU A 107 6.61 -34.63 13.64
N ASP A 108 7.36 -35.37 14.47
CA ASP A 108 7.07 -35.44 15.89
C ASP A 108 7.25 -34.10 16.58
N SER A 109 8.25 -33.32 16.15
CA SER A 109 8.61 -32.09 16.86
C SER A 109 7.45 -31.11 17.00
N VAL A 110 6.35 -31.30 16.28
CA VAL A 110 5.27 -30.32 16.26
C VAL A 110 3.95 -30.87 16.80
N GLU A 111 3.78 -32.18 16.93
CA GLU A 111 2.49 -32.75 17.28
C GLU A 111 2.27 -32.91 18.77
N TYR A 112 3.33 -32.91 19.57
CA TYR A 112 3.20 -33.19 20.99
C TYR A 112 2.51 -32.02 21.71
N MET A 113 2.14 -32.26 22.97
CA MET A 113 1.53 -31.26 23.83
C MET A 113 2.51 -30.86 24.92
N PRO A 114 2.99 -29.61 24.96
CA PRO A 114 3.98 -29.24 25.97
C PRO A 114 3.38 -29.03 27.35
N ALA A 115 4.17 -29.40 28.36
CA ALA A 115 3.80 -29.14 29.75
C ALA A 115 4.02 -27.69 30.16
N ASN A 116 5.00 -27.03 29.54
CA ASN A 116 5.35 -25.64 29.89
C ASN A 116 5.32 -24.80 28.62
N PRO A 117 4.13 -24.48 28.12
CA PRO A 117 4.03 -23.77 26.84
C PRO A 117 4.52 -22.33 26.94
N VAL A 118 5.23 -21.89 25.89
CA VAL A 118 5.70 -20.51 25.84
C VAL A 118 4.53 -19.56 25.64
N ARG A 119 4.68 -18.33 26.12
CA ARG A 119 3.75 -17.26 25.87
C ARG A 119 4.45 -16.20 25.02
N ILE A 120 3.79 -15.77 23.95
CA ILE A 120 4.42 -15.00 22.88
C ILE A 120 3.96 -13.55 22.94
N ALA A 121 4.89 -12.64 22.67
CA ALA A 121 4.61 -11.22 22.52
C ALA A 121 4.71 -10.87 21.04
N PHE A 122 3.56 -10.62 20.42
CA PHE A 122 3.51 -10.22 19.01
C PHE A 122 3.58 -8.70 18.92
N VAL A 123 4.52 -8.19 18.11
CA VAL A 123 4.61 -6.77 17.80
C VAL A 123 4.16 -6.59 16.36
N LEU A 124 3.05 -5.89 16.17
CA LEU A 124 2.47 -5.66 14.86
C LEU A 124 2.80 -4.23 14.42
N VAL A 125 3.58 -4.12 13.33
CA VAL A 125 3.95 -2.83 12.75
C VAL A 125 3.15 -2.67 11.47
N VAL A 126 2.22 -1.71 11.45
CA VAL A 126 1.22 -1.63 10.39
C VAL A 126 1.08 -0.20 9.89
N HIS A 127 0.54 -0.09 8.68
CA HIS A 127 0.23 1.21 8.07
C HIS A 127 -0.78 0.98 6.94
N GLY A 128 -1.36 2.07 6.45
CA GLY A 128 -2.25 1.97 5.30
C GLY A 128 -3.71 1.86 5.69
N ARG A 129 -4.53 1.38 4.73
CA ARG A 129 -5.98 1.38 4.85
C ARG A 129 -6.60 0.00 5.09
N ALA A 130 -5.81 -1.09 5.07
CA ALA A 130 -6.38 -2.43 5.00
C ALA A 130 -6.75 -2.98 6.39
N SER A 131 -7.68 -2.28 7.04
CA SER A 131 -8.00 -2.62 8.44
C SER A 131 -8.73 -3.95 8.55
N ARG A 132 -9.60 -4.28 7.59
CA ARG A 132 -10.37 -5.51 7.69
C ARG A 132 -9.50 -6.75 7.48
N GLN A 133 -8.48 -6.66 6.63
CA GLN A 133 -7.55 -7.77 6.49
C GLN A 133 -6.70 -7.93 7.74
N LEU A 134 -6.28 -6.82 8.36
CA LEU A 134 -5.53 -6.89 9.60
C LEU A 134 -6.36 -7.55 10.70
N GLN A 135 -7.67 -7.28 10.72
CA GLN A 135 -8.54 -7.92 11.69
C GLN A 135 -8.67 -9.41 11.42
N ARG A 136 -8.75 -9.80 10.15
CA ARG A 136 -8.81 -11.21 9.79
C ARG A 136 -7.55 -11.94 10.25
N MET A 137 -6.38 -11.35 9.98
CA MET A 137 -5.13 -12.00 10.38
C MET A 137 -4.99 -12.04 11.90
N PHE A 138 -5.34 -10.95 12.57
CA PHE A 138 -5.35 -10.94 14.03
C PHE A 138 -6.24 -12.05 14.58
N LYS A 139 -7.38 -12.29 13.94
CA LYS A 139 -8.27 -13.37 14.35
C LYS A 139 -7.57 -14.72 14.28
N ALA A 140 -6.77 -14.94 13.24
CA ALA A 140 -6.13 -16.23 13.06
C ALA A 140 -5.05 -16.49 14.10
N ILE A 141 -4.32 -15.45 14.53
CA ILE A 141 -3.18 -15.64 15.42
C ILE A 141 -3.52 -15.47 16.89
N TYR A 142 -4.74 -15.06 17.22
CA TYR A 142 -5.04 -14.69 18.59
C TYR A 142 -5.15 -15.91 19.51
N HIS A 143 -4.62 -15.77 20.71
CA HIS A 143 -4.88 -16.69 21.81
C HIS A 143 -4.78 -15.91 23.11
N LYS A 144 -5.63 -16.24 24.08
CA LYS A 144 -5.73 -15.46 25.30
C LYS A 144 -4.44 -15.46 26.11
N ASP A 145 -3.55 -16.43 25.90
CA ASP A 145 -2.31 -16.54 26.65
C ASP A 145 -1.16 -15.75 26.05
N HIS A 146 -1.31 -15.23 24.83
CA HIS A 146 -0.27 -14.45 24.19
C HIS A 146 -0.48 -12.96 24.49
N PHE A 147 0.33 -12.11 23.87
CA PHE A 147 0.24 -10.66 24.03
C PHE A 147 0.45 -9.99 22.67
N TYR A 148 -0.15 -8.82 22.49
CA TYR A 148 -0.16 -8.15 21.19
C TYR A 148 0.06 -6.65 21.39
N TYR A 149 1.11 -6.12 20.75
CA TYR A 149 1.53 -4.73 20.90
C TYR A 149 1.65 -4.12 19.51
N ILE A 150 0.85 -3.10 19.24
CA ILE A 150 0.56 -2.66 17.86
C ILE A 150 1.07 -1.23 17.68
N HIS A 151 2.00 -1.06 16.74
CA HIS A 151 2.51 0.26 16.36
C HIS A 151 1.92 0.64 15.00
N VAL A 152 1.22 1.77 14.95
CA VAL A 152 0.61 2.27 13.73
C VAL A 152 1.34 3.53 13.29
N ASP A 153 1.83 3.53 12.05
CA ASP A 153 2.51 4.68 11.47
C ASP A 153 1.76 5.98 11.81
N LYS A 154 2.51 6.97 12.28
CA LYS A 154 1.94 8.25 12.68
C LYS A 154 1.08 8.86 11.58
N ARG A 155 1.33 8.51 10.31
CA ARG A 155 0.55 9.06 9.21
C ARG A 155 -0.79 8.37 9.01
N SER A 156 -0.94 7.14 9.52
CA SER A 156 -2.12 6.32 9.20
C SER A 156 -3.16 6.44 10.32
N ASN A 157 -3.82 7.61 10.36
CA ASN A 157 -4.73 7.90 11.47
C ASN A 157 -6.01 7.06 11.39
N TYR A 158 -6.53 6.82 10.19
CA TYR A 158 -7.71 5.97 10.06
C TYR A 158 -7.46 4.59 10.66
N LEU A 159 -6.36 3.96 10.26
CA LEU A 159 -6.05 2.63 10.78
C LEU A 159 -5.87 2.65 12.29
N HIS A 160 -5.30 3.73 12.84
CA HIS A 160 -5.10 3.80 14.29
C HIS A 160 -6.41 3.80 15.04
N ARG A 161 -7.40 4.55 14.54
CA ARG A 161 -8.70 4.55 15.20
C ARG A 161 -9.33 3.16 15.21
N GLN A 162 -9.12 2.40 14.13
CA GLN A 162 -9.67 1.05 14.08
C GLN A 162 -8.94 0.11 15.02
N VAL A 163 -7.61 0.29 15.15
CA VAL A 163 -6.82 -0.54 16.06
C VAL A 163 -7.20 -0.24 17.51
N LEU A 164 -7.48 1.03 17.82
CA LEU A 164 -7.89 1.39 19.17
C LEU A 164 -9.12 0.58 19.61
N GLN A 165 -10.07 0.37 18.69
CA GLN A 165 -11.26 -0.39 19.04
C GLN A 165 -10.92 -1.80 19.47
N VAL A 166 -9.91 -2.41 18.83
CA VAL A 166 -9.51 -3.76 19.19
C VAL A 166 -8.83 -3.78 20.56
N SER A 167 -7.91 -2.84 20.79
CA SER A 167 -7.19 -2.81 22.07
C SER A 167 -8.16 -2.57 23.22
N ARG A 168 -9.23 -1.82 22.99
CA ARG A 168 -10.21 -1.58 24.05
C ARG A 168 -11.05 -2.82 24.37
N GLN A 169 -11.05 -3.82 23.50
CA GLN A 169 -11.86 -5.02 23.69
C GLN A 169 -11.15 -6.11 24.48
N TYR A 170 -9.82 -6.20 24.38
CA TYR A 170 -9.09 -7.33 24.93
C TYR A 170 -7.99 -6.84 25.87
N SER A 171 -7.86 -7.52 27.01
CA SER A 171 -6.92 -7.12 28.04
C SER A 171 -5.47 -7.43 27.69
N ASN A 172 -5.23 -8.31 26.72
CA ASN A 172 -3.88 -8.66 26.29
C ASN A 172 -3.51 -8.00 24.96
N VAL A 173 -4.17 -6.90 24.60
CA VAL A 173 -3.86 -6.14 23.40
C VAL A 173 -3.65 -4.69 23.79
N ARG A 174 -2.54 -4.10 23.36
CA ARG A 174 -2.22 -2.71 23.66
C ARG A 174 -1.63 -2.04 22.41
N VAL A 175 -1.81 -0.72 22.33
CA VAL A 175 -1.22 0.08 21.26
C VAL A 175 -0.06 0.88 21.84
N THR A 176 0.95 1.11 21.01
CA THR A 176 2.05 1.96 21.42
C THR A 176 1.55 3.40 21.55
N PRO A 177 1.80 4.08 22.68
CA PRO A 177 1.37 5.49 22.76
C PRO A 177 2.14 6.39 21.82
N TRP A 178 3.43 6.15 21.69
CA TRP A 178 4.27 6.84 20.72
C TRP A 178 4.07 6.23 19.33
N ARG A 179 4.21 7.06 18.30
CA ARG A 179 4.01 6.64 16.92
C ARG A 179 5.02 7.37 16.04
N MET A 180 5.83 6.60 15.31
CA MET A 180 6.83 7.15 14.41
C MET A 180 6.36 7.08 12.97
N ALA A 181 6.98 7.91 12.12
CA ALA A 181 6.73 7.89 10.68
C ALA A 181 7.71 6.93 10.04
N THR A 182 7.38 5.63 10.15
CA THR A 182 8.30 4.54 9.80
C THR A 182 8.35 4.34 8.28
N ILE A 183 8.99 5.29 7.61
CA ILE A 183 9.12 5.23 6.15
C ILE A 183 9.88 3.96 5.74
N TRP A 184 9.68 3.56 4.49
CA TRP A 184 10.35 2.37 3.97
C TRP A 184 11.86 2.56 4.04
N GLY A 185 12.55 1.54 4.57
CA GLY A 185 13.99 1.58 4.70
C GLY A 185 14.52 2.55 5.73
N GLY A 186 13.65 3.23 6.47
CA GLY A 186 14.11 4.24 7.39
C GLY A 186 14.84 3.68 8.59
N ALA A 187 15.69 4.53 9.17
CA ALA A 187 16.34 4.21 10.43
C ALA A 187 15.34 4.09 11.57
N SER A 188 14.16 4.69 11.42
CA SER A 188 13.17 4.69 12.50
C SER A 188 12.58 3.32 12.78
N LEU A 189 12.64 2.40 11.81
CA LEU A 189 12.08 1.07 12.05
C LEU A 189 12.84 0.35 13.17
N LEU A 190 14.17 0.52 13.22
CA LEU A 190 14.93 -0.06 14.32
C LEU A 190 14.63 0.65 15.63
N SER A 191 14.51 1.97 15.60
CA SER A 191 14.11 2.71 16.80
C SER A 191 12.77 2.19 17.31
N THR A 192 11.84 1.88 16.41
CA THR A 192 10.54 1.36 16.82
C THR A 192 10.69 0.01 17.52
N TYR A 193 11.43 -0.92 16.90
CA TYR A 193 11.62 -2.23 17.53
C TYR A 193 12.30 -2.11 18.88
N LEU A 194 13.31 -1.24 19.00
CA LEU A 194 14.06 -1.16 20.25
C LEU A 194 13.24 -0.53 21.35
N GLN A 195 12.42 0.47 21.03
CA GLN A 195 11.57 1.06 22.05
C GLN A 195 10.50 0.08 22.51
N SER A 196 9.90 -0.65 21.56
CA SER A 196 8.87 -1.62 21.92
C SER A 196 9.44 -2.76 22.76
N MET A 197 10.71 -3.13 22.53
CA MET A 197 11.33 -4.14 23.36
C MET A 197 11.52 -3.66 24.79
N ARG A 198 11.95 -2.41 24.96
CA ARG A 198 12.08 -1.85 26.30
C ARG A 198 10.72 -1.76 26.99
N ASP A 199 9.70 -1.29 26.26
CA ASP A 199 8.35 -1.22 26.80
C ASP A 199 7.88 -2.60 27.28
N LEU A 200 8.05 -3.62 26.44
CA LEU A 200 7.53 -4.95 26.77
C LEU A 200 8.24 -5.54 27.99
N LEU A 201 9.54 -5.28 28.13
CA LEU A 201 10.27 -5.79 29.29
C LEU A 201 9.79 -5.16 30.59
N GLU A 202 9.35 -3.90 30.55
CA GLU A 202 8.89 -3.22 31.74
C GLU A 202 7.45 -3.55 32.11
N MET A 203 6.70 -4.19 31.20
CA MET A 203 5.34 -4.63 31.50
C MET A 203 5.41 -5.94 32.28
N THR A 204 5.53 -5.82 33.60
CA THR A 204 5.72 -7.01 34.43
C THR A 204 4.51 -7.94 34.39
N ASP A 205 3.31 -7.40 34.14
CA ASP A 205 2.11 -8.22 34.08
C ASP A 205 2.04 -9.09 32.83
N TRP A 206 3.00 -8.98 31.91
CA TRP A 206 3.04 -9.76 30.68
C TRP A 206 4.28 -10.63 30.67
N PRO A 207 4.21 -11.86 31.21
CA PRO A 207 5.39 -12.75 31.24
C PRO A 207 5.63 -13.52 29.92
N TRP A 208 6.23 -12.84 28.95
CA TRP A 208 6.41 -13.40 27.62
C TRP A 208 7.80 -14.03 27.47
N ASP A 209 7.88 -15.00 26.55
CA ASP A 209 9.09 -15.78 26.34
C ASP A 209 9.74 -15.54 24.98
N PHE A 210 8.98 -15.12 23.98
CA PHE A 210 9.49 -14.87 22.64
C PHE A 210 8.94 -13.56 22.09
N PHE A 211 9.70 -12.96 21.18
CA PHE A 211 9.33 -11.73 20.49
C PHE A 211 9.20 -12.04 19.00
N ILE A 212 8.04 -11.72 18.42
CA ILE A 212 7.78 -11.96 17.00
C ILE A 212 7.18 -10.69 16.40
N ASN A 213 7.75 -10.23 15.28
CA ASN A 213 7.28 -9.04 14.59
C ASN A 213 6.54 -9.44 13.31
N LEU A 214 5.42 -8.76 13.05
CA LEU A 214 4.57 -9.03 11.90
C LEU A 214 4.03 -7.72 11.33
N SER A 215 3.79 -7.73 10.01
CA SER A 215 3.12 -6.63 9.33
C SER A 215 1.69 -7.01 8.99
N ALA A 216 0.94 -6.03 8.48
CA ALA A 216 -0.42 -6.28 8.04
C ALA A 216 -0.50 -7.11 6.76
N ALA A 217 0.64 -7.45 6.16
CA ALA A 217 0.69 -8.29 4.97
C ALA A 217 1.25 -9.68 5.27
N ASP A 218 1.42 -10.03 6.53
CA ASP A 218 1.83 -11.37 6.92
C ASP A 218 0.60 -12.25 7.18
N TYR A 219 0.81 -13.57 7.19
CA TYR A 219 -0.25 -14.51 7.54
C TYR A 219 0.36 -15.81 8.05
N PRO A 220 -0.24 -16.47 9.04
CA PRO A 220 0.28 -17.77 9.47
C PRO A 220 0.05 -18.85 8.42
N ILE A 221 0.97 -19.80 8.38
CA ILE A 221 0.82 -21.00 7.55
C ILE A 221 0.83 -22.27 8.38
N ARG A 222 0.86 -22.15 9.71
CA ARG A 222 0.64 -23.27 10.61
C ARG A 222 -0.21 -22.78 11.78
N THR A 223 -0.87 -23.73 12.45
CA THR A 223 -1.74 -23.39 13.57
C THR A 223 -0.92 -22.86 14.75
N ASN A 224 -1.62 -22.17 15.65
CA ASN A 224 -0.99 -21.69 16.88
C ASN A 224 -0.49 -22.84 17.74
N ASP A 225 -1.23 -23.95 17.78
CA ASP A 225 -0.80 -25.09 18.58
C ASP A 225 0.55 -25.61 18.10
N GLN A 226 0.76 -25.65 16.78
CA GLN A 226 2.03 -26.15 16.25
C GLN A 226 3.15 -25.15 16.48
N LEU A 227 2.86 -23.85 16.38
CA LEU A 227 3.84 -22.83 16.67
C LEU A 227 4.32 -22.94 18.11
N VAL A 228 3.39 -23.02 19.06
CA VAL A 228 3.75 -23.08 20.47
C VAL A 228 4.54 -24.35 20.77
N ALA A 229 4.14 -25.48 20.17
CA ALA A 229 4.87 -26.72 20.42
C ALA A 229 6.31 -26.62 19.95
N PHE A 230 6.52 -26.02 18.78
CA PHE A 230 7.87 -25.89 18.23
C PHE A 230 8.73 -24.98 19.10
N LEU A 231 8.21 -23.79 19.44
CA LEU A 231 9.01 -22.83 20.20
C LEU A 231 9.24 -23.30 21.64
N SER A 232 8.32 -24.09 22.20
CA SER A 232 8.53 -24.65 23.52
C SER A 232 9.70 -25.64 23.52
N ARG A 233 9.96 -26.28 22.38
CA ARG A 233 11.05 -27.23 22.26
C ARG A 233 12.40 -26.54 22.12
N TYR A 234 12.45 -25.37 21.48
CA TYR A 234 13.71 -24.68 21.21
C TYR A 234 13.72 -23.28 21.82
N ARG A 235 13.37 -23.18 23.11
CA ARG A 235 13.10 -21.89 23.71
C ARG A 235 14.35 -21.07 24.03
N ASP A 236 15.54 -21.66 23.94
CA ASP A 236 16.79 -20.93 24.15
C ASP A 236 17.44 -20.47 22.84
N MET A 237 16.76 -20.66 21.70
CA MET A 237 17.31 -20.33 20.40
C MET A 237 16.77 -19.00 19.90
N ASN A 238 17.49 -18.42 18.93
CA ASN A 238 17.08 -17.22 18.21
C ASN A 238 17.05 -17.53 16.72
N PHE A 239 16.03 -17.01 16.03
CA PHE A 239 15.74 -17.39 14.65
C PHE A 239 15.91 -16.16 13.74
N LEU A 240 17.03 -16.13 13.01
CA LEU A 240 17.38 -15.04 12.09
C LEU A 240 17.93 -15.64 10.81
N LYS A 241 17.52 -15.08 9.67
CA LYS A 241 17.90 -15.60 8.36
C LYS A 241 18.91 -14.68 7.70
N SER A 242 20.06 -15.24 7.31
CA SER A 242 21.13 -14.50 6.64
C SER A 242 20.91 -14.48 5.13
N HIS A 243 21.71 -13.64 4.45
CA HIS A 243 21.45 -13.34 3.05
C HIS A 243 21.72 -14.53 2.14
N GLY A 244 22.75 -15.31 2.45
CA GLY A 244 23.07 -16.47 1.63
C GLY A 244 23.72 -16.12 0.31
N ARG A 245 24.83 -15.38 0.37
CA ARG A 245 25.55 -14.96 -0.83
C ARG A 245 26.92 -14.43 -0.38
N ASP A 246 27.61 -13.75 -1.29
CA ASP A 246 28.88 -13.13 -0.95
C ASP A 246 28.65 -12.01 0.05
N ASN A 247 29.38 -12.05 1.16
CA ASN A 247 29.15 -11.08 2.23
C ASN A 247 29.63 -9.69 1.85
N ALA A 248 30.71 -9.60 1.09
CA ALA A 248 31.17 -8.29 0.62
C ALA A 248 30.15 -7.66 -0.31
N ARG A 249 29.51 -8.47 -1.15
CA ARG A 249 28.47 -7.94 -2.04
C ARG A 249 27.23 -7.53 -1.26
N PHE A 250 26.90 -8.25 -0.19
CA PHE A 250 25.75 -7.88 0.64
C PHE A 250 25.96 -6.48 1.24
N ILE A 251 27.16 -6.23 1.79
CA ILE A 251 27.46 -4.95 2.41
C ILE A 251 27.27 -3.81 1.41
N ARG A 252 27.81 -3.98 0.20
CA ARG A 252 27.72 -2.91 -0.79
C ARG A 252 26.29 -2.74 -1.29
N LYS A 253 25.58 -3.84 -1.55
CA LYS A 253 24.22 -3.73 -2.06
C LYS A 253 23.29 -3.07 -1.04
N GLN A 254 23.52 -3.31 0.25
CA GLN A 254 22.71 -2.71 1.30
C GLN A 254 23.10 -1.28 1.62
N GLY A 255 24.21 -0.78 1.07
CA GLY A 255 24.68 0.54 1.40
C GLY A 255 25.19 0.66 2.82
N LEU A 256 25.64 -0.44 3.42
CA LEU A 256 26.11 -0.41 4.80
C LEU A 256 27.37 0.44 4.97
N ASP A 257 28.15 0.61 3.90
CA ASP A 257 29.35 1.44 3.94
C ASP A 257 29.06 2.90 3.61
N ARG A 258 27.79 3.31 3.62
CA ARG A 258 27.38 4.68 3.35
C ARG A 258 26.66 5.24 4.57
N LEU A 259 26.82 6.55 4.79
CA LEU A 259 26.20 7.22 5.93
C LEU A 259 24.86 7.82 5.51
N PHE A 260 23.81 7.53 6.28
CA PHE A 260 22.47 8.04 6.01
C PHE A 260 21.94 8.83 7.21
N LEU A 261 20.98 9.70 6.93
CA LEU A 261 20.29 10.46 7.96
C LEU A 261 18.80 10.52 7.63
N GLU A 262 17.95 10.18 8.60
CA GLU A 262 16.50 10.23 8.43
C GLU A 262 15.98 11.59 8.90
N CYS A 263 15.33 12.32 8.00
CA CYS A 263 14.82 13.64 8.33
C CYS A 263 13.81 14.06 7.26
N ASP A 264 12.75 14.75 7.69
CA ASP A 264 11.67 15.15 6.79
C ASP A 264 11.10 13.95 6.03
N ALA A 265 10.94 12.83 6.75
CA ALA A 265 10.37 11.62 6.17
C ALA A 265 11.14 11.19 4.92
N HIS A 266 12.45 11.30 4.98
CA HIS A 266 13.33 10.95 3.87
C HIS A 266 14.66 10.45 4.42
N MET A 267 15.27 9.51 3.71
CA MET A 267 16.60 8.98 4.06
C MET A 267 17.63 9.63 3.14
N TRP A 268 18.39 10.58 3.67
CA TRP A 268 19.39 11.30 2.91
C TRP A 268 20.74 10.58 2.97
N ARG A 269 21.36 10.37 1.81
CA ARG A 269 22.70 9.80 1.74
C ARG A 269 23.72 10.93 1.84
N LEU A 270 24.64 10.82 2.80
CA LEU A 270 25.54 11.93 3.12
C LEU A 270 27.02 11.66 2.82
N GLY A 271 27.40 10.42 2.55
CA GLY A 271 28.77 10.14 2.17
C GLY A 271 29.15 8.72 2.55
N ASP A 272 30.45 8.46 2.50
CA ASP A 272 31.02 7.15 2.78
C ASP A 272 31.38 7.01 4.24
N ARG A 273 31.65 5.76 4.65
CA ARG A 273 32.11 5.47 5.99
C ARG A 273 32.77 4.10 5.99
N ARG A 274 33.53 3.83 7.04
CA ARG A 274 34.25 2.57 7.18
C ARG A 274 33.44 1.58 8.01
N ILE A 275 33.51 0.31 7.63
CA ILE A 275 32.98 -0.76 8.47
C ILE A 275 33.90 -0.92 9.69
N PRO A 276 33.39 -0.93 10.91
CA PRO A 276 34.27 -1.05 12.07
C PRO A 276 35.06 -2.35 12.05
N GLU A 277 36.30 -2.27 12.50
CA GLU A 277 37.18 -3.43 12.54
C GLU A 277 36.99 -4.19 13.85
N GLY A 278 37.32 -5.49 13.81
CA GLY A 278 37.27 -6.34 14.98
C GLY A 278 36.00 -7.17 15.12
N ILE A 279 34.98 -6.92 14.30
CA ILE A 279 33.72 -7.64 14.38
C ILE A 279 33.35 -8.17 13.00
N ALA A 280 32.47 -9.17 13.00
CA ALA A 280 31.90 -9.71 11.78
C ALA A 280 30.54 -9.09 11.53
N VAL A 281 30.33 -8.59 10.32
CA VAL A 281 29.08 -7.93 9.93
C VAL A 281 28.27 -8.90 9.09
N ASP A 282 27.00 -9.08 9.45
CA ASP A 282 26.11 -9.99 8.75
C ASP A 282 24.72 -9.36 8.67
N GLY A 283 23.84 -9.98 7.88
CA GLY A 283 22.50 -9.45 7.71
C GLY A 283 21.69 -10.35 6.82
N GLY A 284 20.44 -9.91 6.58
CA GLY A 284 19.50 -10.67 5.79
C GLY A 284 18.08 -10.15 5.93
N SER A 285 17.19 -10.98 6.44
CA SER A 285 15.79 -10.59 6.64
C SER A 285 15.63 -9.91 7.98
N ASP A 286 14.78 -8.87 8.02
CA ASP A 286 14.44 -8.20 9.27
C ASP A 286 13.11 -8.69 9.84
N TRP A 287 12.65 -9.88 9.43
CA TRP A 287 11.58 -10.60 10.10
C TRP A 287 12.19 -11.79 10.84
N PHE A 288 11.95 -11.88 12.15
CA PHE A 288 12.71 -12.80 13.00
C PHE A 288 11.89 -13.20 14.23
N LEU A 289 12.49 -14.06 15.06
CA LEU A 289 11.95 -14.44 16.36
C LEU A 289 13.09 -14.47 17.36
N LEU A 290 12.98 -13.70 18.45
CA LEU A 290 14.04 -13.58 19.45
C LEU A 290 13.49 -13.91 20.83
N ASN A 291 14.28 -14.64 21.62
CA ASN A 291 13.84 -15.00 22.96
C ASN A 291 14.12 -13.89 23.96
N ARG A 292 13.42 -13.95 25.10
CA ARG A 292 13.45 -12.86 26.06
C ARG A 292 14.87 -12.58 26.55
N ARG A 293 15.68 -13.64 26.75
CA ARG A 293 17.03 -13.46 27.25
C ARG A 293 17.85 -12.55 26.34
N PHE A 294 17.77 -12.76 25.03
CA PHE A 294 18.55 -11.94 24.10
C PHE A 294 18.00 -10.53 24.01
N VAL A 295 16.68 -10.37 24.08
CA VAL A 295 16.10 -9.02 24.04
C VAL A 295 16.53 -8.23 25.27
N GLU A 296 16.65 -8.89 26.41
CA GLU A 296 17.14 -8.24 27.62
C GLU A 296 18.57 -7.75 27.44
N TYR A 297 19.41 -8.56 26.78
CA TYR A 297 20.80 -8.16 26.54
C TYR A 297 20.85 -6.94 25.62
N VAL A 298 20.14 -6.99 24.50
CA VAL A 298 20.13 -5.89 23.54
C VAL A 298 19.67 -4.60 24.21
N THR A 299 18.72 -4.70 25.14
CA THR A 299 18.09 -3.51 25.69
C THR A 299 18.92 -2.88 26.79
N PHE A 300 19.46 -3.68 27.72
CA PHE A 300 20.05 -3.14 28.94
C PHE A 300 21.58 -3.23 29.01
N SER A 301 22.21 -4.00 28.13
CA SER A 301 23.66 -4.11 28.18
C SER A 301 24.31 -2.77 27.84
N THR A 302 25.42 -2.48 28.52
CA THR A 302 26.21 -1.27 28.28
C THR A 302 27.60 -1.59 27.76
N ASP A 303 27.85 -2.81 27.29
CA ASP A 303 29.19 -3.17 26.88
C ASP A 303 29.53 -2.51 25.54
N ASP A 304 30.79 -2.69 25.13
CA ASP A 304 31.32 -1.97 23.97
C ASP A 304 30.55 -2.30 22.71
N LEU A 305 30.10 -3.55 22.56
CA LEU A 305 29.44 -3.99 21.33
C LEU A 305 28.07 -3.32 21.18
N VAL A 306 27.19 -3.49 22.17
CA VAL A 306 25.83 -2.95 22.06
C VAL A 306 25.85 -1.44 21.94
N THR A 307 26.73 -0.77 22.71
CA THR A 307 26.78 0.69 22.69
C THR A 307 27.13 1.21 21.31
N LYS A 308 28.24 0.71 20.74
CA LYS A 308 28.71 1.24 19.47
C LYS A 308 27.80 0.84 18.31
N MET A 309 27.11 -0.29 18.42
CA MET A 309 26.22 -0.71 17.34
C MET A 309 24.94 0.10 17.31
N LYS A 310 24.43 0.53 18.48
CA LYS A 310 23.28 1.42 18.48
C LYS A 310 23.62 2.78 17.87
N GLN A 311 24.86 3.23 18.04
CA GLN A 311 25.29 4.48 17.41
C GLN A 311 25.45 4.30 15.91
N PHE A 312 26.13 3.24 15.49
CA PHE A 312 26.36 2.99 14.07
C PHE A 312 25.05 2.88 13.31
N TYR A 313 24.08 2.16 13.86
CA TYR A 313 22.84 1.86 13.15
C TYR A 313 21.79 2.96 13.29
N SER A 314 22.06 4.02 14.05
CA SER A 314 21.19 5.19 14.02
C SER A 314 21.28 5.94 12.71
N TYR A 315 22.33 5.71 11.93
CA TYR A 315 22.56 6.39 10.66
C TYR A 315 22.70 5.39 9.53
N THR A 316 21.88 4.34 9.55
CA THR A 316 21.99 3.24 8.60
C THR A 316 20.67 3.04 7.86
N LEU A 317 20.78 2.72 6.57
CA LEU A 317 19.62 2.34 5.76
C LEU A 317 19.26 0.87 6.02
N LEU A 318 17.96 0.59 6.10
CA LEU A 318 17.46 -0.76 6.34
C LEU A 318 18.12 -1.38 7.58
N PRO A 319 18.13 -0.67 8.72
CA PRO A 319 18.97 -1.11 9.83
C PRO A 319 18.57 -2.46 10.41
N ALA A 320 17.26 -2.73 10.49
CA ALA A 320 16.77 -3.98 11.08
C ALA A 320 17.16 -5.21 10.28
N GLU A 321 17.71 -5.04 9.08
CA GLU A 321 18.14 -6.17 8.26
C GLU A 321 19.56 -6.63 8.56
N SER A 322 20.27 -5.97 9.49
CA SER A 322 21.63 -6.42 9.80
C SER A 322 22.02 -6.14 11.26
N PHE A 323 21.30 -5.25 11.95
CA PHE A 323 21.66 -4.92 13.33
C PHE A 323 21.62 -6.14 14.23
N PHE A 324 20.50 -6.88 14.22
CA PHE A 324 20.34 -8.00 15.16
C PHE A 324 21.26 -9.16 14.78
N HIS A 325 21.48 -9.39 13.49
CA HIS A 325 22.48 -10.36 13.08
C HIS A 325 23.85 -10.01 13.63
N THR A 326 24.27 -8.76 13.46
CA THR A 326 25.63 -8.36 13.81
C THR A 326 25.85 -8.41 15.32
N VAL A 327 24.88 -7.94 16.10
CA VAL A 327 25.01 -8.01 17.55
C VAL A 327 25.08 -9.47 18.00
N LEU A 328 24.13 -10.29 17.57
CA LEU A 328 24.06 -11.66 18.06
C LEU A 328 25.34 -12.44 17.78
N GLU A 329 25.83 -12.37 16.54
CA GLU A 329 26.98 -13.18 16.16
C GLU A 329 28.25 -12.77 16.89
N ASN A 330 28.30 -11.55 17.42
CA ASN A 330 29.48 -11.05 18.13
C ASN A 330 29.28 -10.98 19.64
N SER A 331 28.12 -11.38 20.14
CA SER A 331 27.75 -11.28 21.54
C SER A 331 28.05 -12.56 22.29
N PRO A 332 27.90 -12.57 23.61
CA PRO A 332 27.99 -13.83 24.36
C PRO A 332 26.92 -14.85 23.99
N HIS A 333 25.86 -14.43 23.30
CA HIS A 333 24.77 -15.33 22.92
C HIS A 333 24.96 -15.92 21.53
N CYS A 334 26.16 -15.85 20.96
CA CYS A 334 26.35 -16.23 19.56
C CYS A 334 26.03 -17.70 19.31
N ASP A 335 26.10 -18.56 20.32
CA ASP A 335 25.87 -19.98 20.11
C ASP A 335 24.39 -20.36 20.12
N THR A 336 23.48 -19.39 20.04
CA THR A 336 22.04 -19.65 20.06
C THR A 336 21.37 -19.36 18.72
N MET A 337 22.14 -19.04 17.68
CA MET A 337 21.57 -18.58 16.43
C MET A 337 21.18 -19.75 15.53
N VAL A 338 19.96 -19.70 14.99
CA VAL A 338 19.48 -20.65 13.99
C VAL A 338 19.31 -19.86 12.69
N ASP A 339 19.99 -20.31 11.62
CA ASP A 339 19.92 -19.61 10.33
C ASP A 339 18.61 -19.96 9.63
N ASN A 340 17.51 -19.52 10.24
CA ASN A 340 16.18 -19.74 9.71
C ASN A 340 15.20 -18.86 10.49
N ASN A 341 14.50 -17.96 9.80
CA ASN A 341 13.55 -17.08 10.46
C ASN A 341 12.14 -17.64 10.47
N LEU A 342 11.95 -18.88 10.03
CA LEU A 342 10.64 -19.54 10.05
C LEU A 342 9.61 -18.79 9.20
N ARG A 343 10.07 -18.05 8.19
N ARG A 343 10.06 -18.05 8.19
CA ARG A 343 9.20 -17.31 7.28
CA ARG A 343 9.19 -17.33 7.28
C ARG A 343 9.39 -17.82 5.86
C ARG A 343 9.40 -17.81 5.85
N ILE A 344 8.38 -17.59 5.02
CA ILE A 344 8.47 -17.79 3.58
C ILE A 344 8.20 -16.42 2.96
N THR A 345 9.23 -15.83 2.33
CA THR A 345 9.13 -14.52 1.71
C THR A 345 9.11 -14.69 0.19
N ASN A 346 8.07 -14.15 -0.45
CA ASN A 346 7.82 -14.39 -1.88
C ASN A 346 8.64 -13.42 -2.74
N TRP A 347 9.97 -13.61 -2.68
CA TRP A 347 10.86 -12.80 -3.50
C TRP A 347 10.75 -13.21 -4.97
N ASN A 348 10.68 -12.20 -5.85
CA ASN A 348 10.66 -12.39 -7.30
C ASN A 348 11.27 -11.13 -7.91
N ARG A 349 12.60 -11.03 -7.81
CA ARG A 349 13.28 -9.78 -8.10
C ARG A 349 13.13 -9.33 -9.55
N LYS A 350 12.76 -10.23 -10.46
CA LYS A 350 12.46 -9.81 -11.81
C LYS A 350 11.33 -8.80 -11.84
N LEU A 351 10.42 -8.86 -10.86
CA LEU A 351 9.32 -7.92 -10.73
C LEU A 351 9.45 -6.98 -9.54
N GLY A 352 10.16 -7.39 -8.49
CA GLY A 352 10.19 -6.63 -7.25
C GLY A 352 11.26 -5.55 -7.17
N CYS A 353 12.29 -5.64 -8.01
CA CYS A 353 13.38 -4.65 -8.01
C CYS A 353 13.16 -3.69 -9.17
N LYS A 354 12.51 -2.56 -8.87
CA LYS A 354 12.27 -1.52 -9.87
C LYS A 354 12.76 -0.16 -9.40
N CYS A 355 13.60 -0.11 -8.35
CA CYS A 355 14.04 1.14 -7.75
C CYS A 355 12.86 2.09 -7.56
N GLN A 356 11.80 1.58 -6.93
CA GLN A 356 10.53 2.29 -6.82
C GLN A 356 10.43 3.20 -5.61
N TYR A 357 11.45 3.26 -4.76
CA TYR A 357 11.42 4.08 -3.55
C TYR A 357 12.37 5.28 -3.64
N LYS A 358 12.77 5.68 -4.85
CA LYS A 358 13.74 6.75 -4.98
C LYS A 358 13.23 8.06 -4.38
N HIS A 359 11.92 8.26 -4.35
CA HIS A 359 11.37 9.47 -3.75
C HIS A 359 11.38 9.44 -2.23
N ILE A 360 11.62 8.28 -1.62
CA ILE A 360 11.65 8.14 -0.17
C ILE A 360 13.08 8.02 0.35
N VAL A 361 13.93 7.27 -0.35
CA VAL A 361 15.30 7.02 0.09
C VAL A 361 16.26 7.29 -1.07
N ASP A 362 17.49 7.68 -0.72
CA ASP A 362 18.54 7.94 -1.70
C ASP A 362 19.26 6.63 -2.04
N TRP A 363 18.51 5.67 -2.55
CA TRP A 363 19.01 4.33 -2.81
C TRP A 363 17.93 3.58 -3.59
N CYS A 364 18.33 2.47 -4.20
CA CYS A 364 17.39 1.57 -4.88
C CYS A 364 17.09 0.37 -3.98
N GLY A 365 15.81 -0.01 -3.93
CA GLY A 365 15.37 -1.09 -3.07
C GLY A 365 14.49 -2.08 -3.82
N CYS A 366 14.19 -3.18 -3.14
CA CYS A 366 13.38 -4.26 -3.68
C CYS A 366 12.31 -4.66 -2.67
N SER A 367 11.24 -5.28 -3.17
CA SER A 367 10.13 -5.74 -2.34
C SER A 367 9.66 -7.09 -2.85
N PRO A 368 9.20 -7.96 -1.94
CA PRO A 368 8.63 -9.24 -2.38
C PRO A 368 7.22 -9.06 -2.92
N ASN A 369 6.80 -10.04 -3.72
CA ASN A 369 5.52 -10.00 -4.39
C ASN A 369 4.40 -10.56 -3.50
N ASP A 370 3.16 -10.30 -3.90
CA ASP A 370 2.01 -10.86 -3.24
C ASP A 370 1.76 -12.28 -3.73
N PHE A 371 1.31 -13.15 -2.83
CA PHE A 371 0.98 -14.52 -3.20
C PHE A 371 -0.29 -14.57 -4.05
N LYS A 372 -0.40 -15.61 -4.87
CA LYS A 372 -1.53 -15.85 -5.73
C LYS A 372 -2.04 -17.26 -5.52
N PRO A 373 -3.21 -17.61 -6.06
CA PRO A 373 -3.76 -18.96 -5.82
C PRO A 373 -2.82 -20.08 -6.23
N GLN A 374 -2.04 -19.91 -7.29
CA GLN A 374 -1.15 -20.96 -7.76
C GLN A 374 0.00 -21.24 -6.78
N ASP A 375 0.20 -20.39 -5.78
CA ASP A 375 1.30 -20.55 -4.83
C ASP A 375 0.92 -21.39 -3.62
N PHE A 376 -0.31 -21.89 -3.53
CA PHE A 376 -0.77 -22.55 -2.31
C PHE A 376 0.11 -23.76 -1.96
N HIS A 377 0.59 -24.49 -2.96
CA HIS A 377 1.38 -25.68 -2.69
C HIS A 377 2.68 -25.37 -1.95
N ARG A 378 3.19 -24.15 -2.08
CA ARG A 378 4.44 -23.78 -1.41
C ARG A 378 4.29 -23.73 0.10
N PHE A 379 3.08 -23.52 0.61
CA PHE A 379 2.86 -23.47 2.05
C PHE A 379 2.90 -24.86 2.70
N GLN A 380 2.81 -25.93 1.91
CA GLN A 380 2.77 -27.28 2.43
C GLN A 380 4.13 -27.98 2.39
N GLN A 381 5.20 -27.25 2.12
CA GLN A 381 6.53 -27.84 2.11
C GLN A 381 7.02 -28.08 3.53
N THR A 382 7.80 -29.15 3.69
CA THR A 382 8.41 -29.47 4.98
C THR A 382 9.90 -29.75 4.81
N ALA A 383 10.54 -29.00 3.90
CA ALA A 383 12.00 -29.06 3.81
C ALA A 383 12.64 -28.45 5.05
N ARG A 384 12.18 -27.27 5.45
CA ARG A 384 12.59 -26.62 6.68
C ARG A 384 11.34 -26.17 7.42
N PRO A 385 11.44 -25.96 8.73
CA PRO A 385 10.28 -25.49 9.49
C PRO A 385 9.95 -24.03 9.17
N THR A 386 8.68 -23.76 8.91
CA THR A 386 8.20 -22.41 8.64
C THR A 386 6.80 -22.27 9.21
N PHE A 387 6.49 -21.08 9.74
CA PHE A 387 5.21 -20.85 10.41
C PHE A 387 4.48 -19.59 9.93
N PHE A 388 5.11 -18.71 9.16
CA PHE A 388 4.46 -17.52 8.63
C PHE A 388 4.93 -17.27 7.20
N ALA A 389 4.22 -16.38 6.50
CA ALA A 389 4.58 -16.04 5.13
C ALA A 389 4.13 -14.61 4.81
N ARG A 390 4.75 -14.03 3.78
CA ARG A 390 4.38 -12.71 3.30
C ARG A 390 4.85 -12.58 1.87
N LYS A 391 4.18 -11.74 1.05
CA LYS A 391 3.10 -10.82 1.46
C LYS A 391 1.74 -11.22 0.90
N PHE A 392 0.68 -10.78 1.59
CA PHE A 392 -0.69 -10.96 1.16
C PHE A 392 -1.37 -9.58 1.10
N GLU A 393 -2.13 -9.35 0.04
CA GLU A 393 -2.88 -8.11 -0.13
C GLU A 393 -4.27 -8.43 -0.66
N ALA A 394 -5.31 -8.02 0.08
CA ALA A 394 -6.67 -8.37 -0.29
C ALA A 394 -7.14 -7.62 -1.54
N VAL A 395 -6.63 -6.40 -1.78
CA VAL A 395 -6.99 -5.67 -2.99
C VAL A 395 -6.28 -6.22 -4.22
N VAL A 396 -5.27 -7.05 -4.04
CA VAL A 396 -4.56 -7.70 -5.15
C VAL A 396 -5.10 -9.10 -5.40
N ASN A 397 -5.19 -9.92 -4.35
CA ASN A 397 -5.79 -11.26 -4.49
C ASN A 397 -6.18 -11.75 -3.11
N GLN A 398 -7.49 -11.90 -2.89
CA GLN A 398 -8.01 -12.42 -1.63
C GLN A 398 -8.26 -13.92 -1.66
N GLU A 399 -8.40 -14.51 -2.85
CA GLU A 399 -8.69 -15.94 -2.95
C GLU A 399 -7.67 -16.78 -2.18
N ILE A 400 -6.37 -16.49 -2.39
CA ILE A 400 -5.32 -17.28 -1.73
C ILE A 400 -5.40 -17.12 -0.22
N ILE A 401 -5.81 -15.95 0.26
CA ILE A 401 -5.97 -15.76 1.70
C ILE A 401 -7.05 -16.70 2.23
N GLY A 402 -8.20 -16.74 1.56
CA GLY A 402 -9.27 -17.62 1.99
C GLY A 402 -8.85 -19.08 2.02
N GLN A 403 -8.17 -19.53 0.95
CA GLN A 403 -7.74 -20.92 0.89
C GLN A 403 -6.84 -21.27 2.06
N LEU A 404 -5.97 -20.34 2.46
CA LEU A 404 -5.07 -20.58 3.58
C LEU A 404 -5.83 -20.64 4.90
N ASP A 405 -6.74 -19.70 5.12
CA ASP A 405 -7.46 -19.63 6.39
C ASP A 405 -8.34 -20.86 6.59
N TYR A 406 -9.09 -21.27 5.55
CA TYR A 406 -9.95 -22.44 5.68
C TYR A 406 -9.13 -23.72 5.81
N TYR A 407 -7.95 -23.76 5.16
CA TYR A 407 -7.08 -24.93 5.28
C TYR A 407 -6.58 -25.10 6.70
N LEU A 408 -6.29 -24.00 7.39
CA LEU A 408 -5.75 -24.09 8.74
C LEU A 408 -6.84 -24.32 9.79
N TYR A 409 -7.97 -23.61 9.68
N TYR A 409 -7.96 -23.60 9.69
CA TYR A 409 -8.97 -23.61 10.74
CA TYR A 409 -8.97 -23.59 10.74
C TYR A 409 -10.36 -24.01 10.25
C TYR A 409 -10.35 -24.06 10.26
N GLY A 410 -10.50 -24.46 9.00
CA GLY A 410 -11.75 -25.02 8.53
C GLY A 410 -12.68 -23.99 7.92
N ASN A 411 -13.67 -24.51 7.18
CA ASN A 411 -14.66 -23.65 6.55
C ASN A 411 -15.53 -22.95 7.59
N TYR A 412 -16.10 -21.82 7.19
CA TYR A 412 -17.15 -21.18 7.97
C TYR A 412 -18.48 -21.90 7.75
N PRO A 413 -19.45 -21.72 8.64
CA PRO A 413 -20.73 -22.41 8.46
C PRO A 413 -21.41 -22.04 7.16
N ALA A 414 -22.20 -22.97 6.63
CA ALA A 414 -22.94 -22.73 5.40
C ALA A 414 -23.90 -21.55 5.59
N GLY A 415 -23.97 -20.70 4.57
CA GLY A 415 -24.78 -19.50 4.65
C GLY A 415 -24.10 -18.30 5.25
N THR A 416 -22.81 -18.39 5.54
CA THR A 416 -22.07 -17.24 6.07
C THR A 416 -21.93 -16.20 4.96
N PRO A 417 -22.30 -14.94 5.21
CA PRO A 417 -22.20 -13.91 4.16
C PRO A 417 -20.82 -13.26 4.08
N GLY A 418 -20.55 -12.69 2.90
CA GLY A 418 -19.40 -11.82 2.71
C GLY A 418 -18.06 -12.50 2.54
N LEU A 419 -18.03 -13.83 2.42
CA LEU A 419 -16.75 -14.54 2.39
C LEU A 419 -15.96 -14.25 1.12
N ARG A 420 -16.62 -13.96 0.01
CA ARG A 420 -15.95 -13.65 -1.24
C ARG A 420 -15.82 -12.15 -1.49
N SER A 421 -16.19 -11.31 -0.54
CA SER A 421 -16.16 -9.86 -0.71
C SER A 421 -15.02 -9.24 0.11
N TYR A 422 -14.69 -8.00 -0.24
CA TYR A 422 -13.71 -7.23 0.52
C TYR A 422 -14.06 -5.75 0.45
N TRP A 423 -13.94 -5.08 1.59
CA TRP A 423 -14.22 -3.65 1.72
C TRP A 423 -12.99 -2.96 2.30
N GLU A 424 -12.61 -1.82 1.72
CA GLU A 424 -11.45 -1.07 2.20
C GLU A 424 -11.76 0.42 2.16
N ASN A 425 -11.68 1.07 3.32
CA ASN A 425 -11.99 2.49 3.45
C ASN A 425 -10.85 3.34 2.92
N VAL A 426 -11.17 4.27 2.02
CA VAL A 426 -10.18 5.18 1.45
C VAL A 426 -10.42 6.63 1.82
N TYR A 427 -11.50 6.93 2.55
CA TYR A 427 -11.68 8.25 3.15
C TYR A 427 -12.62 8.12 4.34
N ASP A 428 -12.25 8.79 5.44
CA ASP A 428 -13.03 8.76 6.67
C ASP A 428 -13.16 10.19 7.18
N GLU A 429 -14.40 10.60 7.47
CA GLU A 429 -14.69 11.98 7.83
C GLU A 429 -13.75 12.59 8.87
N PRO A 430 -13.35 11.89 9.94
CA PRO A 430 -12.52 12.56 10.95
C PRO A 430 -11.20 13.09 10.43
N ASP A 431 -10.77 12.68 9.24
CA ASP A 431 -9.49 13.11 8.70
C ASP A 431 -9.59 14.40 7.88
N GLY A 432 -10.78 14.84 7.51
CA GLY A 432 -10.97 16.17 6.94
C GLY A 432 -10.82 16.20 5.43
N ILE A 433 -11.58 17.10 4.80
CA ILE A 433 -11.59 17.19 3.35
C ILE A 433 -10.26 17.69 2.81
N HIS A 434 -9.45 18.37 3.62
CA HIS A 434 -8.14 18.79 3.16
C HIS A 434 -7.18 17.61 3.01
N SER A 435 -7.50 16.45 3.57
CA SER A 435 -6.72 15.24 3.31
C SER A 435 -7.05 14.61 1.98
N LEU A 436 -8.17 15.00 1.37
CA LEU A 436 -8.47 14.65 -0.01
C LEU A 436 -7.83 15.67 -0.94
N SER A 437 -7.86 15.37 -2.24
CA SER A 437 -7.44 16.32 -3.26
C SER A 437 -8.69 16.95 -3.90
N ASP A 438 -8.46 18.02 -4.67
CA ASP A 438 -9.57 18.64 -5.38
C ASP A 438 -10.24 17.66 -6.34
N VAL A 439 -9.47 16.71 -6.88
CA VAL A 439 -10.03 15.73 -7.81
C VAL A 439 -11.00 14.79 -7.08
N THR A 440 -10.52 14.07 -6.08
CA THR A 440 -11.35 13.08 -5.42
C THR A 440 -12.55 13.73 -4.73
N LEU A 441 -12.36 14.92 -4.15
CA LEU A 441 -13.47 15.62 -3.54
C LEU A 441 -14.55 15.94 -4.58
N THR A 442 -14.15 16.42 -5.75
CA THR A 442 -15.10 16.72 -6.81
C THR A 442 -15.88 15.47 -7.21
N LEU A 443 -15.18 14.35 -7.41
CA LEU A 443 -15.80 13.17 -7.98
C LEU A 443 -16.63 12.41 -6.94
N TYR A 444 -16.16 12.35 -5.69
CA TYR A 444 -16.96 11.74 -4.64
C TYR A 444 -18.28 12.49 -4.46
N HIS A 445 -18.24 13.82 -4.57
CA HIS A 445 -19.48 14.59 -4.54
C HIS A 445 -20.40 14.21 -5.69
N SER A 446 -19.83 14.04 -6.89
CA SER A 446 -20.63 13.71 -8.06
C SER A 446 -21.25 12.32 -7.95
N PHE A 447 -20.51 11.36 -7.38
CA PHE A 447 -21.05 10.01 -7.22
C PHE A 447 -22.25 10.02 -6.29
N ALA A 448 -22.21 10.82 -5.23
CA ALA A 448 -23.34 10.90 -4.31
C ALA A 448 -24.58 11.47 -5.00
N ARG A 449 -24.41 12.52 -5.80
CA ARG A 449 -25.54 13.07 -6.55
C ARG A 449 -26.10 12.05 -7.53
N LEU A 450 -25.23 11.23 -8.12
CA LEU A 450 -25.69 10.18 -9.02
C LEU A 450 -26.57 9.18 -8.28
N GLY A 451 -26.27 8.90 -7.01
CA GLY A 451 -27.12 8.03 -6.22
C GLY A 451 -28.46 8.65 -5.91
N LEU A 452 -28.47 9.94 -5.56
CA LEU A 452 -29.72 10.61 -5.24
C LEU A 452 -30.65 10.65 -6.45
N ARG A 453 -30.09 10.80 -7.65
CA ARG A 453 -30.92 10.75 -8.86
C ARG A 453 -31.48 9.35 -9.09
N ARG A 454 -30.73 8.31 -8.71
CA ARG A 454 -31.27 6.96 -8.82
C ARG A 454 -32.43 6.75 -7.86
N ALA A 455 -32.32 7.27 -6.63
CA ALA A 455 -33.41 7.14 -5.66
C ALA A 455 -34.69 7.75 -6.22
N GLU A 456 -34.60 8.95 -6.77
CA GLU A 456 -35.79 9.61 -7.31
C GLU A 456 -36.39 8.82 -8.46
N THR A 457 -35.54 8.26 -9.34
CA THR A 457 -36.03 7.54 -10.51
C THR A 457 -36.70 6.22 -10.13
N SER A 458 -36.27 5.58 -9.05
CA SER A 458 -36.70 4.22 -8.75
C SER A 458 -38.13 4.16 -8.22
N LEU A 459 -38.74 5.28 -7.84
CA LEU A 459 -40.10 5.29 -7.32
C LEU A 459 -41.07 5.66 -8.43
N HIS A 460 -42.06 4.81 -8.66
CA HIS A 460 -43.06 5.01 -9.70
C HIS A 460 -44.37 5.40 -9.03
N THR A 461 -44.72 6.68 -9.14
CA THR A 461 -45.92 7.21 -8.50
C THR A 461 -46.40 8.43 -9.27
N ASP A 462 -47.69 8.75 -9.09
CA ASP A 462 -48.26 9.97 -9.64
C ASP A 462 -48.51 11.03 -8.58
N GLY A 463 -48.24 10.73 -7.32
CA GLY A 463 -48.34 11.68 -6.24
C GLY A 463 -47.00 12.30 -5.90
N GLU A 464 -46.85 12.68 -4.62
CA GLU A 464 -45.59 13.24 -4.17
C GLU A 464 -44.50 12.18 -4.20
N ASN A 465 -43.31 12.56 -4.65
CA ASN A 465 -42.17 11.64 -4.73
C ASN A 465 -41.43 11.68 -3.41
N SER A 466 -41.63 10.66 -2.59
CA SER A 466 -40.98 10.54 -1.29
C SER A 466 -39.54 10.03 -1.39
N CYS A 467 -38.93 10.07 -2.57
CA CYS A 467 -37.54 9.66 -2.73
C CYS A 467 -36.72 10.77 -3.41
N ARG A 468 -37.14 12.03 -3.27
CA ARG A 468 -36.40 13.17 -3.78
C ARG A 468 -35.55 13.77 -2.65
N TYR A 469 -34.27 13.99 -2.93
CA TYR A 469 -33.32 14.41 -1.91
C TYR A 469 -32.57 15.66 -2.33
N TYR A 470 -32.09 16.40 -1.33
CA TYR A 470 -31.19 17.52 -1.52
C TYR A 470 -29.89 17.24 -0.78
N PRO A 471 -28.73 17.27 -1.43
CA PRO A 471 -27.48 16.89 -0.74
C PRO A 471 -27.06 17.91 0.31
N MET A 472 -26.39 17.42 1.34
CA MET A 472 -25.96 18.24 2.48
C MET A 472 -24.52 17.92 2.82
N GLY A 473 -23.68 18.95 2.94
CA GLY A 473 -22.33 18.77 3.44
C GLY A 473 -21.44 17.98 2.50
N HIS A 474 -20.44 17.32 3.07
CA HIS A 474 -19.45 16.56 2.34
C HIS A 474 -19.61 15.07 2.64
N PRO A 475 -19.04 14.20 1.79
CA PRO A 475 -19.14 12.76 2.05
C PRO A 475 -18.59 12.40 3.42
N ALA A 476 -19.21 11.41 4.05
CA ALA A 476 -18.81 10.96 5.38
C ALA A 476 -17.76 9.86 5.34
N SER A 477 -17.80 9.01 4.31
CA SER A 477 -16.79 7.98 4.14
C SER A 477 -16.88 7.44 2.71
N VAL A 478 -15.81 6.79 2.28
CA VAL A 478 -15.74 6.16 0.96
C VAL A 478 -15.02 4.83 1.11
N HIS A 479 -15.55 3.79 0.45
CA HIS A 479 -14.98 2.46 0.48
C HIS A 479 -14.75 1.95 -0.94
N LEU A 480 -13.63 1.24 -1.13
CA LEU A 480 -13.48 0.34 -2.27
C LEU A 480 -14.25 -0.95 -2.01
N TYR A 481 -14.79 -1.54 -3.07
CA TYR A 481 -15.64 -2.73 -2.98
C TYR A 481 -15.17 -3.76 -3.99
N PHE A 482 -14.79 -4.94 -3.51
CA PHE A 482 -14.36 -6.05 -4.36
C PHE A 482 -15.27 -7.24 -4.14
N LEU A 483 -15.49 -8.01 -5.22
CA LEU A 483 -16.24 -9.26 -5.15
C LEU A 483 -15.57 -10.28 -6.05
N ALA A 484 -15.15 -11.41 -5.46
CA ALA A 484 -14.47 -12.47 -6.18
C ALA A 484 -13.23 -11.95 -6.90
N ASP A 485 -12.48 -11.10 -6.20
CA ASP A 485 -11.23 -10.52 -6.72
C ASP A 485 -11.48 -9.69 -7.98
N ARG A 486 -12.65 -9.07 -8.07
CA ARG A 486 -12.96 -8.15 -9.16
C ARG A 486 -13.45 -6.83 -8.57
N PHE A 487 -12.86 -5.73 -9.04
CA PHE A 487 -13.23 -4.42 -8.53
C PHE A 487 -14.64 -4.05 -8.96
N GLN A 488 -15.48 -3.67 -7.99
CA GLN A 488 -16.88 -3.35 -8.23
C GLN A 488 -17.20 -1.87 -8.20
N GLY A 489 -16.31 -1.04 -7.64
CA GLY A 489 -16.52 0.39 -7.62
C GLY A 489 -16.37 1.02 -6.25
N PHE A 490 -17.05 2.14 -6.02
CA PHE A 490 -16.98 2.88 -4.78
C PHE A 490 -18.31 2.82 -4.04
N LEU A 491 -18.22 2.83 -2.71
CA LEU A 491 -19.36 3.00 -1.83
C LEU A 491 -19.17 4.31 -1.08
N ILE A 492 -20.13 5.23 -1.22
CA ILE A 492 -20.06 6.56 -0.63
C ILE A 492 -21.17 6.70 0.40
N LYS A 493 -20.79 7.08 1.62
CA LYS A 493 -21.75 7.41 2.67
C LYS A 493 -21.91 8.92 2.74
N HIS A 494 -23.16 9.39 2.72
CA HIS A 494 -23.42 10.82 2.63
C HIS A 494 -24.76 11.14 3.26
N HIS A 495 -24.94 12.43 3.57
CA HIS A 495 -26.15 12.94 4.21
C HIS A 495 -26.97 13.75 3.20
N ALA A 496 -28.28 13.70 3.36
CA ALA A 496 -29.18 14.42 2.45
C ALA A 496 -30.54 14.58 3.12
N THR A 497 -31.26 15.62 2.69
CA THR A 497 -32.59 15.89 3.21
C THR A 497 -33.63 15.24 2.31
N ASN A 498 -34.49 14.42 2.90
CA ASN A 498 -35.66 13.90 2.20
C ASN A 498 -36.69 15.01 2.11
N LEU A 499 -36.99 15.46 0.88
CA LEU A 499 -37.77 16.66 0.69
C LEU A 499 -39.26 16.46 0.98
N ALA A 500 -39.77 15.24 0.87
CA ALA A 500 -41.19 15.00 1.16
C ALA A 500 -41.50 15.24 2.64
N VAL A 501 -40.67 14.68 3.53
CA VAL A 501 -40.87 14.85 4.97
C VAL A 501 -39.93 15.89 5.58
N SER A 502 -39.00 16.43 4.80
CA SER A 502 -38.11 17.50 5.26
C SER A 502 -37.25 17.05 6.45
N LYS A 503 -36.64 15.88 6.30
CA LYS A 503 -35.86 15.25 7.36
C LYS A 503 -34.52 14.76 6.82
N LEU A 504 -33.49 14.86 7.67
CA LEU A 504 -32.15 14.46 7.31
C LEU A 504 -32.00 12.94 7.36
N GLU A 505 -31.36 12.37 6.35
CA GLU A 505 -31.15 10.93 6.27
C GLU A 505 -29.72 10.65 5.86
N THR A 506 -29.19 9.51 6.32
CA THR A 506 -27.85 9.06 6.00
C THR A 506 -27.93 7.85 5.08
N LEU A 507 -27.25 7.92 3.93
CA LEU A 507 -27.38 6.92 2.88
C LEU A 507 -26.00 6.44 2.45
N GLU A 508 -25.98 5.28 1.77
CA GLU A 508 -24.77 4.79 1.12
C GLU A 508 -25.09 4.44 -0.33
N THR A 509 -24.28 4.96 -1.26
CA THR A 509 -24.47 4.76 -2.69
C THR A 509 -23.36 3.87 -3.23
N TRP A 510 -23.72 2.99 -4.16
CA TRP A 510 -22.78 2.11 -4.84
C TRP A 510 -22.73 2.51 -6.32
N VAL A 511 -21.56 2.96 -6.76
CA VAL A 511 -21.35 3.35 -8.16
C VAL A 511 -20.31 2.42 -8.78
N MET A 512 -20.51 2.08 -10.04
CA MET A 512 -19.66 1.15 -10.76
C MET A 512 -19.31 1.72 -12.14
N PRO A 513 -18.05 1.65 -12.55
CA PRO A 513 -17.68 2.22 -13.86
C PRO A 513 -18.23 1.39 -15.01
N LYS A 514 -18.66 2.08 -16.07
CA LYS A 514 -19.14 1.41 -17.26
C LYS A 514 -17.97 0.80 -18.03
N LYS A 515 -18.25 -0.34 -18.66
CA LYS A 515 -17.24 -1.04 -19.45
C LYS A 515 -16.96 -0.26 -20.74
N VAL A 516 -15.68 0.02 -20.99
CA VAL A 516 -15.30 0.84 -22.13
C VAL A 516 -14.29 0.17 -23.05
N PHE A 517 -13.61 -0.90 -22.62
CA PHE A 517 -12.67 -1.58 -23.51
C PHE A 517 -13.45 -2.34 -24.58
N LYS A 518 -13.10 -2.09 -25.84
CA LYS A 518 -13.77 -2.70 -26.99
C LYS A 518 -12.74 -3.23 -27.97
N ILE A 519 -12.95 -4.47 -28.42
CA ILE A 519 -12.09 -5.09 -29.42
C ILE A 519 -12.71 -4.84 -30.79
N ALA A 520 -11.96 -4.17 -31.67
CA ALA A 520 -12.44 -3.88 -33.02
C ALA A 520 -12.08 -4.94 -34.03
N SER A 521 -11.11 -5.80 -33.72
CA SER A 521 -10.73 -6.85 -34.65
C SER A 521 -11.97 -7.64 -35.09
N PRO A 522 -12.02 -8.12 -36.35
CA PRO A 522 -13.21 -8.85 -36.82
C PRO A 522 -13.34 -10.25 -36.22
N ASP A 525 -7.22 -11.11 -37.72
CA ASP A 525 -8.47 -11.12 -36.95
C ASP A 525 -8.21 -11.55 -35.51
N PHE A 526 -7.17 -12.35 -35.30
CA PHE A 526 -6.81 -12.86 -33.97
C PHE A 526 -5.39 -12.42 -33.65
N GLY A 527 -5.26 -11.56 -32.64
CA GLY A 527 -3.97 -11.05 -32.22
C GLY A 527 -3.64 -11.38 -30.79
N ARG A 528 -2.68 -10.66 -30.21
CA ARG A 528 -2.21 -10.93 -28.86
C ARG A 528 -2.80 -10.00 -27.81
N LEU A 529 -3.45 -8.90 -28.22
CA LEU A 529 -3.96 -7.94 -27.26
C LEU A 529 -5.10 -8.56 -26.44
N GLN A 530 -5.01 -8.43 -25.13
CA GLN A 530 -6.04 -8.92 -24.21
C GLN A 530 -6.78 -7.81 -23.48
N PHE A 531 -6.13 -6.68 -23.22
CA PHE A 531 -6.76 -5.60 -22.47
C PHE A 531 -5.95 -4.33 -22.65
N SER A 532 -6.61 -3.20 -22.44
CA SER A 532 -5.98 -1.89 -22.55
C SER A 532 -6.65 -0.97 -21.52
N GLU A 533 -5.86 -0.11 -20.89
CA GLU A 533 -6.35 0.67 -19.77
C GLU A 533 -5.52 1.93 -19.61
N VAL A 534 -6.18 2.99 -19.11
CA VAL A 534 -5.53 4.27 -18.83
C VAL A 534 -5.71 4.58 -17.34
N GLY A 535 -4.63 5.01 -16.70
CA GLY A 535 -4.70 5.33 -15.29
C GLY A 535 -3.45 6.03 -14.82
N THR A 536 -3.28 6.07 -13.50
CA THR A 536 -2.09 6.64 -12.87
C THR A 536 -1.64 5.75 -11.72
N ASP A 537 -0.42 5.98 -11.26
CA ASP A 537 0.16 5.23 -10.15
C ASP A 537 0.27 3.74 -10.52
N TRP A 538 0.98 3.48 -11.61
CA TRP A 538 1.18 2.11 -12.07
C TRP A 538 2.13 1.38 -11.13
N ASP A 539 1.69 0.21 -10.65
CA ASP A 539 2.49 -0.63 -9.76
C ASP A 539 3.20 -1.66 -10.61
N ALA A 540 4.51 -1.45 -10.83
CA ALA A 540 5.27 -2.33 -11.70
C ALA A 540 5.44 -3.72 -11.12
N LYS A 541 5.42 -3.85 -9.79
CA LYS A 541 5.61 -5.15 -9.17
C LYS A 541 4.36 -6.03 -9.32
N GLU A 542 3.19 -5.48 -9.04
CA GLU A 542 1.94 -6.22 -9.11
C GLU A 542 1.19 -6.01 -10.42
N ARG A 543 1.69 -5.14 -11.31
CA ARG A 543 1.10 -4.92 -12.62
C ARG A 543 -0.38 -4.52 -12.51
N LEU A 544 -0.60 -3.36 -11.89
CA LEU A 544 -1.95 -2.81 -11.78
C LEU A 544 -1.83 -1.33 -11.39
N PHE A 545 -2.90 -0.59 -11.66
CA PHE A 545 -3.00 0.80 -11.23
C PHE A 545 -3.50 0.84 -9.78
N ARG A 546 -2.77 1.54 -8.92
CA ARG A 546 -3.20 1.73 -7.54
C ARG A 546 -4.24 2.83 -7.39
N ASN A 547 -4.48 3.61 -8.44
CA ASN A 547 -5.65 4.51 -8.53
C ASN A 547 -6.79 3.68 -9.10
N PHE A 548 -7.44 2.91 -8.21
CA PHE A 548 -8.33 1.84 -8.67
C PHE A 548 -9.49 2.37 -9.50
N GLY A 549 -10.00 3.54 -9.18
CA GLY A 549 -11.12 4.09 -9.92
C GLY A 549 -10.76 4.82 -11.19
N GLY A 550 -9.47 4.99 -11.47
CA GLY A 550 -9.06 5.78 -12.62
C GLY A 550 -9.55 7.20 -12.54
N LEU A 551 -9.55 7.78 -11.35
CA LEU A 551 -10.03 9.15 -11.16
C LEU A 551 -8.95 10.12 -11.62
N LEU A 552 -9.33 11.05 -12.50
CA LEU A 552 -8.38 11.93 -13.15
C LEU A 552 -8.92 13.35 -13.22
N GLY A 553 -7.99 14.32 -13.17
CA GLY A 553 -8.32 15.72 -13.30
C GLY A 553 -7.51 16.37 -14.40
N PRO A 554 -7.70 17.67 -14.59
CA PRO A 554 -7.01 18.36 -15.70
C PRO A 554 -5.50 18.41 -15.56
N MET A 555 -4.97 18.38 -14.33
CA MET A 555 -3.53 18.49 -14.11
C MET A 555 -2.87 17.14 -13.88
N ASP A 556 -3.54 16.05 -14.22
CA ASP A 556 -2.96 14.72 -14.08
C ASP A 556 -2.27 14.30 -15.36
N GLU A 557 -1.30 13.40 -15.23
CA GLU A 557 -0.51 12.90 -16.36
C GLU A 557 -0.86 11.44 -16.59
N PRO A 558 -1.82 11.13 -17.46
CA PRO A 558 -2.30 9.75 -17.58
C PRO A 558 -1.26 8.80 -18.18
N VAL A 559 -1.39 7.53 -17.82
CA VAL A 559 -0.52 6.45 -18.28
C VAL A 559 -1.36 5.45 -19.06
N GLY A 560 -0.87 5.03 -20.22
CA GLY A 560 -1.55 4.03 -21.03
C GLY A 560 -0.86 2.68 -20.87
N MET A 561 -1.68 1.65 -20.60
CA MET A 561 -1.20 0.30 -20.39
C MET A 561 -1.88 -0.68 -21.34
N GLN A 562 -1.13 -1.68 -21.78
CA GLN A 562 -1.66 -2.76 -22.61
C GLN A 562 -1.22 -4.09 -22.02
N LYS A 563 -2.08 -5.10 -22.19
CA LYS A 563 -1.85 -6.45 -21.68
C LYS A 563 -1.89 -7.42 -22.86
N TRP A 564 -0.90 -8.31 -22.92
CA TRP A 564 -0.67 -9.13 -24.11
C TRP A 564 -0.63 -10.61 -23.74
N GLY A 565 -1.05 -11.44 -24.71
CA GLY A 565 -0.91 -12.88 -24.59
C GLY A 565 0.31 -13.37 -25.37
N LYS A 566 0.52 -14.69 -25.28
CA LYS A 566 1.66 -15.30 -25.93
C LYS A 566 1.51 -15.23 -27.45
N GLY A 567 2.65 -15.13 -28.14
CA GLY A 567 2.66 -15.11 -29.58
C GLY A 567 3.90 -14.45 -30.16
N PRO A 568 4.03 -14.46 -31.48
CA PRO A 568 5.20 -13.86 -32.13
C PRO A 568 5.28 -12.36 -31.87
N ASN A 569 6.46 -11.82 -32.19
CA ASN A 569 6.67 -10.37 -32.08
C ASN A 569 5.64 -9.64 -32.94
N VAL A 570 5.31 -8.42 -32.52
CA VAL A 570 4.41 -7.57 -33.30
C VAL A 570 4.65 -6.12 -32.93
N THR A 571 4.36 -5.23 -33.87
CA THR A 571 4.45 -3.78 -33.68
C THR A 571 3.08 -3.17 -33.93
N VAL A 572 2.67 -2.25 -33.04
CA VAL A 572 1.35 -1.63 -33.12
C VAL A 572 1.49 -0.11 -32.94
N THR A 573 0.41 0.58 -33.28
CA THR A 573 0.34 2.03 -33.20
C THR A 573 -0.68 2.44 -32.16
N VAL A 574 -0.34 3.44 -31.36
CA VAL A 574 -1.21 3.96 -30.30
C VAL A 574 -1.55 5.42 -30.61
N ILE A 575 -2.81 5.79 -30.38
CA ILE A 575 -3.31 7.13 -30.70
C ILE A 575 -4.14 7.64 -29.52
N TRP A 576 -3.84 8.85 -29.08
CA TRP A 576 -4.59 9.51 -28.00
C TRP A 576 -5.43 10.63 -28.60
N VAL A 577 -6.74 10.61 -28.29
CA VAL A 577 -7.70 11.55 -28.87
C VAL A 577 -8.43 12.26 -27.74
N ASP A 578 -8.48 13.59 -27.82
CA ASP A 578 -9.10 14.39 -26.77
C ASP A 578 -10.58 14.60 -27.08
N PRO A 579 -11.34 15.18 -26.14
CA PRO A 579 -12.80 15.17 -26.26
C PRO A 579 -13.36 15.89 -27.47
N VAL A 580 -12.59 16.74 -28.14
CA VAL A 580 -13.07 17.43 -29.34
C VAL A 580 -12.30 16.95 -30.56
N ASN A 581 -11.83 15.70 -30.52
CA ASN A 581 -11.20 15.02 -31.64
C ASN A 581 -9.83 15.57 -32.00
N VAL A 582 -9.21 16.36 -31.13
CA VAL A 582 -7.80 16.72 -31.32
C VAL A 582 -6.95 15.49 -31.00
N ILE A 583 -6.00 15.19 -31.89
CA ILE A 583 -5.07 14.08 -31.68
C ILE A 583 -3.90 14.61 -30.87
N ALA A 584 -3.72 14.09 -29.66
CA ALA A 584 -2.72 14.60 -28.73
C ALA A 584 -1.36 13.96 -28.93
N ALA A 585 -1.32 12.67 -29.29
CA ALA A 585 -0.04 11.98 -29.43
C ALA A 585 -0.24 10.72 -30.26
N THR A 586 0.86 10.28 -30.87
CA THR A 586 0.87 9.05 -31.66
C THR A 586 2.27 8.45 -31.59
N TYR A 587 2.35 7.14 -31.36
CA TYR A 587 3.64 6.48 -31.26
C TYR A 587 3.47 4.99 -31.52
N ASP A 588 4.57 4.36 -31.92
CA ASP A 588 4.61 2.92 -32.17
C ASP A 588 5.42 2.24 -31.07
N ILE A 589 5.07 0.97 -30.81
CA ILE A 589 5.69 0.19 -29.75
C ILE A 589 5.87 -1.24 -30.24
N LEU A 590 6.98 -1.85 -29.88
CA LEU A 590 7.27 -3.24 -30.24
C LEU A 590 6.85 -4.14 -29.08
N ILE A 591 6.15 -5.22 -29.39
CA ILE A 591 5.70 -6.19 -28.40
C ILE A 591 6.53 -7.45 -28.61
N GLU A 592 7.51 -7.66 -27.74
CA GLU A 592 8.32 -8.86 -27.83
C GLU A 592 7.49 -10.11 -27.53
N SER A 593 7.97 -11.24 -28.03
CA SER A 593 7.24 -12.50 -27.87
C SER A 593 7.07 -12.88 -26.40
N THR A 594 7.88 -12.33 -25.51
CA THR A 594 7.79 -12.63 -24.08
C THR A 594 7.09 -11.55 -23.27
N ALA A 595 6.74 -10.42 -23.89
CA ALA A 595 6.13 -9.33 -23.15
C ALA A 595 4.73 -9.72 -22.68
N GLU A 596 4.43 -9.36 -21.43
CA GLU A 596 3.11 -9.57 -20.85
C GLU A 596 2.35 -8.27 -20.62
N PHE A 597 3.05 -7.19 -20.26
CA PHE A 597 2.45 -5.88 -20.10
C PHE A 597 3.38 -4.84 -20.71
N THR A 598 2.78 -3.76 -21.23
CA THR A 598 3.52 -2.60 -21.70
C THR A 598 2.78 -1.35 -21.24
N HIS A 599 3.54 -0.29 -20.97
CA HIS A 599 2.95 0.97 -20.56
C HIS A 599 3.86 2.11 -20.96
N TYR A 600 3.28 3.30 -21.08
CA TYR A 600 4.00 4.48 -21.49
C TYR A 600 3.21 5.71 -21.08
N LYS A 601 3.91 6.75 -20.63
CA LYS A 601 3.30 8.00 -20.22
C LYS A 601 3.69 9.10 -21.20
N PRO A 602 2.86 9.43 -22.18
CA PRO A 602 3.25 10.44 -23.18
C PRO A 602 3.34 11.81 -22.53
N PRO A 603 4.31 12.64 -22.95
CA PRO A 603 4.43 13.98 -22.37
C PRO A 603 3.41 14.96 -22.93
N LEU A 604 2.23 15.02 -22.31
CA LEU A 604 1.17 15.90 -22.76
C LEU A 604 1.23 17.20 -21.98
N ASN A 605 1.20 18.33 -22.71
CA ASN A 605 1.14 19.62 -22.06
C ASN A 605 -0.15 19.76 -21.25
N LEU A 606 -0.06 20.42 -20.10
CA LEU A 606 -1.17 20.60 -19.20
C LEU A 606 -1.70 22.02 -19.29
N PRO A 607 -2.96 22.26 -18.91
CA PRO A 607 -3.94 21.26 -18.46
C PRO A 607 -4.63 20.52 -19.61
N LEU A 608 -5.07 19.29 -19.34
CA LEU A 608 -5.79 18.51 -20.32
C LEU A 608 -7.22 19.04 -20.47
N ARG A 609 -7.73 19.01 -21.68
CA ARG A 609 -9.10 19.47 -21.91
C ARG A 609 -10.07 18.50 -21.24
N PRO A 610 -10.99 18.97 -20.41
CA PRO A 610 -11.92 18.04 -19.75
C PRO A 610 -12.85 17.37 -20.76
N GLY A 611 -13.30 16.17 -20.41
CA GLY A 611 -14.20 15.40 -21.23
C GLY A 611 -13.75 13.96 -21.34
N VAL A 612 -14.40 13.22 -22.23
CA VAL A 612 -14.11 11.81 -22.44
C VAL A 612 -13.05 11.69 -23.52
N TRP A 613 -11.87 11.20 -23.15
CA TRP A 613 -10.80 10.90 -24.09
C TRP A 613 -10.95 9.48 -24.64
N THR A 614 -10.30 9.23 -25.77
CA THR A 614 -10.28 7.91 -26.39
C THR A 614 -8.85 7.55 -26.75
N VAL A 615 -8.50 6.28 -26.51
CA VAL A 615 -7.19 5.74 -26.87
C VAL A 615 -7.40 4.56 -27.80
N LYS A 616 -6.80 4.62 -28.98
CA LYS A 616 -6.97 3.61 -30.02
C LYS A 616 -5.65 2.90 -30.28
N ILE A 617 -5.74 1.62 -30.62
CA ILE A 617 -4.60 0.82 -31.04
C ILE A 617 -4.88 0.29 -32.44
N LEU A 618 -3.92 0.44 -33.33
CA LEU A 618 -4.02 -0.04 -34.70
C LEU A 618 -2.87 -0.97 -35.02
N HIS A 619 -3.04 -1.75 -36.08
CA HIS A 619 -1.98 -2.61 -36.62
C HIS A 619 -1.91 -2.34 -38.12
N HIS A 620 -0.90 -1.58 -38.54
CA HIS A 620 -0.76 -1.18 -39.94
C HIS A 620 -2.07 -0.58 -40.46
N TRP A 621 -2.62 0.35 -39.68
CA TRP A 621 -3.84 1.09 -39.97
C TRP A 621 -5.10 0.25 -39.81
N VAL A 622 -4.98 -1.02 -39.45
CA VAL A 622 -6.15 -1.86 -39.19
C VAL A 622 -6.59 -1.66 -37.75
N PRO A 623 -7.86 -1.34 -37.48
CA PRO A 623 -8.31 -1.22 -36.09
C PRO A 623 -8.07 -2.51 -35.31
N VAL A 624 -7.66 -2.36 -34.05
CA VAL A 624 -7.43 -3.49 -33.16
C VAL A 624 -8.37 -3.40 -31.98
N ALA A 625 -8.27 -2.30 -31.22
CA ALA A 625 -9.07 -2.13 -30.02
C ALA A 625 -9.05 -0.67 -29.62
N GLU A 626 -9.89 -0.32 -28.65
CA GLU A 626 -9.94 1.04 -28.12
C GLU A 626 -10.45 1.02 -26.69
N THR A 627 -10.18 2.10 -25.97
CA THR A 627 -10.69 2.30 -24.63
C THR A 627 -10.88 3.78 -24.40
N LYS A 628 -11.64 4.12 -23.35
CA LYS A 628 -11.95 5.51 -23.03
C LYS A 628 -11.58 5.80 -21.59
N PHE A 629 -11.38 7.08 -21.29
CA PHE A 629 -11.14 7.53 -19.93
C PHE A 629 -11.62 8.97 -19.79
N LEU A 630 -11.84 9.38 -18.55
CA LEU A 630 -12.49 10.65 -18.25
C LEU A 630 -11.51 11.59 -17.55
N VAL A 631 -11.35 12.78 -18.12
CA VAL A 631 -10.68 13.89 -17.45
C VAL A 631 -11.77 14.81 -16.92
N ALA A 632 -11.99 14.79 -15.61
CA ALA A 632 -13.13 15.46 -15.02
C ALA A 632 -12.83 16.93 -14.76
N PRO A 633 -13.75 17.84 -15.08
CA PRO A 633 -13.60 19.22 -14.62
C PRO A 633 -13.83 19.31 -13.13
N LEU A 634 -13.09 20.22 -12.49
CA LEU A 634 -13.09 20.32 -11.04
C LEU A 634 -14.06 21.40 -10.57
N THR A 635 -14.81 21.08 -9.52
CA THR A 635 -15.72 22.03 -8.89
C THR A 635 -15.15 22.67 -7.63
N PHE A 636 -13.95 22.26 -7.21
CA PHE A 636 -13.32 22.79 -6.01
C PHE A 636 -11.91 23.28 -6.32
N SER A 637 -11.51 24.35 -5.63
CA SER A 637 -10.15 24.86 -5.66
C SER A 637 -9.69 25.05 -4.23
N ASN A 638 -8.68 24.30 -3.81
CA ASN A 638 -8.24 24.28 -2.41
C ASN A 638 -9.41 23.98 -1.49
N ARG A 639 -10.23 22.99 -1.89
CA ARG A 639 -11.39 22.54 -1.13
C ARG A 639 -12.48 23.61 -1.03
N GLN A 640 -12.46 24.62 -1.90
CA GLN A 640 -13.51 25.64 -1.94
C GLN A 640 -14.10 25.72 -3.35
N PRO A 641 -15.36 26.13 -3.46
CA PRO A 641 -15.98 26.22 -4.80
C PRO A 641 -15.14 27.04 -5.76
N ILE A 642 -14.89 26.48 -6.94
CA ILE A 642 -13.98 27.09 -7.90
C ILE A 642 -14.58 28.39 -8.42
N LYS A 643 -13.71 29.35 -8.70
CA LYS A 643 -14.14 30.68 -9.12
C LYS A 643 -13.98 30.86 -10.62
N PRO A 644 -14.71 31.80 -11.22
CA PRO A 644 -14.71 31.91 -12.69
C PRO A 644 -13.33 32.00 -13.32
N GLU A 645 -12.47 32.90 -12.83
CA GLU A 645 -11.14 33.00 -13.40
C GLU A 645 -10.34 31.73 -13.19
N GLU A 646 -10.50 31.08 -12.03
CA GLU A 646 -9.84 29.80 -11.80
C GLU A 646 -10.32 28.75 -12.79
N ALA A 647 -11.64 28.62 -12.95
CA ALA A 647 -12.19 27.60 -13.83
C ALA A 647 -11.75 27.82 -15.28
N LEU A 648 -11.79 29.07 -15.74
CA LEU A 648 -11.40 29.37 -17.11
C LEU A 648 -9.96 28.97 -17.38
N LYS A 649 -9.07 29.21 -16.41
CA LYS A 649 -7.67 28.84 -16.57
C LYS A 649 -7.50 27.32 -16.61
N LEU A 650 -8.34 26.58 -15.90
CA LEU A 650 -8.11 25.15 -15.68
C LEU A 650 -8.79 24.26 -16.72
N HIS A 651 -9.87 24.74 -17.35
CA HIS A 651 -10.73 23.86 -18.16
C HIS A 651 -10.74 24.23 -19.64
N ASN A 652 -9.80 25.04 -20.12
CA ASN A 652 -9.80 25.48 -21.50
C ASN A 652 -8.60 24.94 -22.29
N GLY A 653 -8.09 23.77 -21.90
CA GLY A 653 -7.06 23.11 -22.66
C GLY A 653 -5.67 23.57 -22.31
N PRO A 654 -4.67 23.03 -23.02
CA PRO A 654 -3.27 23.27 -22.63
C PRO A 654 -2.90 24.75 -22.69
N LEU A 655 -1.97 25.14 -21.80
CA LEU A 655 -1.53 26.52 -21.75
C LEU A 655 -0.79 26.90 -23.03
N ARG A 656 0.03 25.99 -23.56
CA ARG A 656 0.78 26.25 -24.78
C ARG A 656 -0.06 26.05 -26.04
N ASN A 657 -1.37 25.86 -25.91
CA ASN A 657 -2.28 25.71 -27.03
C ASN A 657 -1.95 24.49 -27.89
N ALA A 658 -1.20 23.54 -27.35
CA ALA A 658 -0.88 22.32 -28.07
C ALA A 658 -0.40 21.27 -27.07
N TYR A 659 -0.88 20.05 -27.24
CA TYR A 659 -0.46 18.98 -26.33
C TYR A 659 1.01 18.61 -26.54
N MET A 660 1.50 18.70 -27.77
CA MET A 660 2.89 18.40 -28.08
C MET A 660 3.41 19.41 -29.09
N GLU A 661 4.73 19.47 -29.23
CA GLU A 661 5.32 20.26 -30.29
C GLU A 661 4.99 19.66 -31.66
N GLN A 662 5.00 18.34 -31.75
CA GLN A 662 4.60 17.66 -32.98
C GLN A 662 3.08 17.76 -33.15
N SER A 663 2.64 17.94 -34.39
CA SER A 663 1.24 18.09 -34.72
C SER A 663 0.77 16.90 -35.53
N PHE A 664 -0.48 16.47 -35.30
CA PHE A 664 -1.05 15.29 -35.95
C PHE A 664 -2.33 15.63 -36.70
N GLN A 665 -2.49 16.87 -37.13
CA GLN A 665 -3.67 17.25 -37.90
C GLN A 665 -3.81 16.44 -39.18
N SER A 666 -2.70 15.91 -39.70
CA SER A 666 -2.75 15.14 -40.94
C SER A 666 -3.54 13.85 -40.79
N LEU A 667 -3.61 13.30 -39.58
CA LEU A 667 -4.24 12.00 -39.37
C LEU A 667 -5.74 12.07 -39.15
N ASN A 668 -6.29 13.26 -38.89
CA ASN A 668 -7.71 13.37 -38.58
C ASN A 668 -8.59 12.80 -39.68
N PRO A 669 -8.38 13.12 -40.96
CA PRO A 669 -9.25 12.54 -42.00
C PRO A 669 -9.05 11.05 -42.20
N VAL A 670 -7.80 10.58 -42.12
CA VAL A 670 -7.52 9.17 -42.39
C VAL A 670 -8.24 8.29 -41.38
N LEU A 671 -8.32 8.74 -40.13
CA LEU A 671 -8.95 7.98 -39.06
C LEU A 671 -10.43 8.32 -38.87
N SER A 672 -10.98 9.17 -39.75
CA SER A 672 -12.37 9.59 -39.64
C SER A 672 -12.65 10.23 -38.27
N LEU A 673 -11.89 11.29 -37.99
CA LEU A 673 -12.00 12.05 -36.76
C LEU A 673 -12.13 13.53 -37.09
N PRO A 674 -13.24 13.93 -37.72
CA PRO A 674 -13.42 15.35 -38.04
C PRO A 674 -13.69 16.17 -36.78
N ILE A 675 -13.17 17.38 -36.78
CA ILE A 675 -13.35 18.30 -35.65
C ILE A 675 -14.54 19.19 -35.96
N ASN A 676 -15.63 19.01 -35.21
CA ASN A 676 -16.85 19.76 -35.44
C ASN A 676 -16.69 21.18 -34.89
N PRO A 677 -16.77 22.22 -35.72
CA PRO A 677 -16.61 23.59 -35.19
C PRO A 677 -17.60 23.93 -34.09
N ALA A 678 -18.78 23.31 -34.08
CA ALA A 678 -19.76 23.60 -33.06
C ALA A 678 -19.34 23.05 -31.70
N GLN A 679 -18.81 21.83 -31.68
CA GLN A 679 -18.41 21.23 -30.40
C GLN A 679 -17.23 21.96 -29.78
N VAL A 680 -16.33 22.50 -30.60
CA VAL A 680 -15.20 23.26 -30.07
C VAL A 680 -15.71 24.49 -29.31
N GLU A 681 -16.64 25.23 -29.91
CA GLU A 681 -17.15 26.43 -29.27
C GLU A 681 -17.88 26.11 -27.98
N GLN A 682 -18.65 25.02 -27.97
CA GLN A 682 -19.33 24.62 -26.76
C GLN A 682 -18.34 24.26 -25.65
N ALA A 683 -17.19 23.70 -26.02
CA ALA A 683 -16.15 23.41 -25.03
C ALA A 683 -15.60 24.70 -24.42
N ARG A 684 -15.50 25.76 -25.24
CA ARG A 684 -15.07 27.04 -24.71
C ARG A 684 -16.11 27.62 -23.75
N ARG A 685 -17.39 27.53 -24.12
CA ARG A 685 -18.45 27.95 -23.21
C ARG A 685 -18.41 27.16 -21.91
N ASN A 686 -18.18 25.84 -22.02
CA ASN A 686 -18.11 25.01 -20.82
C ASN A 686 -16.95 25.41 -19.92
N ALA A 687 -15.83 25.86 -20.50
CA ALA A 687 -14.66 26.20 -19.70
C ALA A 687 -14.93 27.40 -18.79
N ALA A 688 -15.82 28.31 -19.20
CA ALA A 688 -16.10 29.52 -18.43
C ALA A 688 -17.20 29.31 -17.40
N SER A 689 -17.79 28.14 -17.31
CA SER A 689 -18.94 27.93 -16.44
C SER A 689 -18.51 27.64 -15.01
N THR A 690 -19.37 28.01 -14.06
CA THR A 690 -19.16 27.75 -12.65
C THR A 690 -20.50 27.42 -12.01
N GLY A 691 -20.45 27.07 -10.73
CA GLY A 691 -21.68 26.85 -9.99
C GLY A 691 -22.56 25.79 -10.61
N THR A 692 -23.84 26.14 -10.81
CA THR A 692 -24.81 25.16 -11.29
C THR A 692 -24.50 24.70 -12.71
N ALA A 693 -24.11 25.63 -13.59
CA ALA A 693 -23.77 25.24 -14.96
C ALA A 693 -22.60 24.28 -14.98
N LEU A 694 -21.62 24.49 -14.10
CA LEU A 694 -20.47 23.59 -14.03
C LEU A 694 -20.86 22.24 -13.43
N GLU A 695 -21.77 22.24 -12.45
CA GLU A 695 -22.21 20.99 -11.85
C GLU A 695 -22.97 20.13 -12.86
N GLY A 696 -23.76 20.75 -13.72
CA GLY A 696 -24.49 20.00 -14.73
C GLY A 696 -23.58 19.43 -15.81
N TRP A 697 -22.54 20.17 -16.19
CA TRP A 697 -21.55 19.65 -17.12
C TRP A 697 -20.83 18.44 -16.53
N LEU A 698 -20.36 18.56 -15.29
CA LEU A 698 -19.66 17.47 -14.63
C LEU A 698 -20.55 16.22 -14.52
N ASP A 699 -21.72 16.37 -13.90
CA ASP A 699 -22.59 15.21 -13.67
C ASP A 699 -23.01 14.55 -14.97
N SER A 700 -23.11 15.33 -16.06
CA SER A 700 -23.41 14.75 -17.36
C SER A 700 -22.29 13.83 -17.83
N LEU A 701 -21.04 14.26 -17.67
CA LEU A 701 -19.91 13.41 -18.04
C LEU A 701 -19.83 12.19 -17.14
N VAL A 702 -19.94 12.39 -15.82
CA VAL A 702 -19.84 11.27 -14.88
C VAL A 702 -20.92 10.24 -15.17
N GLY A 703 -22.16 10.69 -15.36
CA GLY A 703 -23.26 9.79 -15.65
C GLY A 703 -23.06 8.98 -16.92
N GLY A 704 -22.22 9.47 -17.84
CA GLY A 704 -21.92 8.72 -19.04
C GLY A 704 -20.84 7.67 -18.87
N MET A 705 -20.07 7.72 -17.78
CA MET A 705 -18.99 6.77 -17.54
C MET A 705 -19.19 5.96 -16.27
N TRP A 706 -20.22 6.25 -15.47
CA TRP A 706 -20.47 5.55 -14.22
C TRP A 706 -21.95 5.24 -14.09
N THR A 707 -22.26 4.20 -13.33
CA THR A 707 -23.64 3.79 -13.09
C THR A 707 -23.86 3.70 -11.58
N ALA A 708 -24.95 4.32 -11.12
CA ALA A 708 -25.40 4.17 -9.74
C ALA A 708 -26.13 2.84 -9.61
N MET A 709 -25.46 1.86 -9.03
CA MET A 709 -26.00 0.50 -9.00
C MET A 709 -27.14 0.37 -7.99
N ASP A 710 -27.03 1.02 -6.84
CA ASP A 710 -28.02 0.88 -5.78
C ASP A 710 -27.73 1.93 -4.71
N ILE A 711 -28.73 2.17 -3.87
CA ILE A 711 -28.59 3.12 -2.76
C ILE A 711 -29.44 2.61 -1.59
N CYS A 712 -28.89 2.71 -0.38
CA CYS A 712 -29.53 2.19 0.81
C CYS A 712 -29.48 3.23 1.94
N ALA A 713 -30.38 3.06 2.91
CA ALA A 713 -30.43 3.92 4.09
C ALA A 713 -29.79 3.22 5.28
N THR A 714 -29.04 3.99 6.09
CA THR A 714 -28.42 3.43 7.28
C THR A 714 -29.39 3.34 8.44
N GLY A 715 -30.40 4.21 8.48
CA GLY A 715 -31.41 4.18 9.50
C GLY A 715 -32.80 4.30 8.90
N PRO A 716 -33.76 4.84 9.65
CA PRO A 716 -35.11 5.00 9.10
C PRO A 716 -35.11 5.92 7.88
N THR A 717 -36.06 5.68 6.98
CA THR A 717 -36.16 6.45 5.75
C THR A 717 -37.62 6.55 5.35
N ALA A 718 -37.94 7.62 4.63
CA ALA A 718 -39.28 7.84 4.09
C ALA A 718 -39.41 7.38 2.65
N CYS A 719 -38.32 6.92 2.02
CA CYS A 719 -38.37 6.42 0.66
C CYS A 719 -38.80 4.96 0.68
N PRO A 720 -40.00 4.63 0.18
CA PRO A 720 -40.52 3.26 0.35
C PRO A 720 -39.78 2.17 -0.41
N VAL A 721 -38.92 2.52 -1.36
CA VAL A 721 -38.23 1.51 -2.17
C VAL A 721 -36.77 1.35 -1.78
N MET A 722 -36.35 1.94 -0.66
CA MET A 722 -34.95 1.90 -0.26
C MET A 722 -34.75 0.88 0.85
N GLN A 723 -33.83 -0.04 0.62
CA GLN A 723 -33.51 -1.09 1.58
C GLN A 723 -32.59 -0.56 2.67
N THR A 724 -32.60 -1.23 3.82
CA THR A 724 -31.69 -0.90 4.90
C THR A 724 -30.30 -1.46 4.60
N CYS A 725 -29.28 -0.63 4.79
CA CYS A 725 -27.94 -1.00 4.35
C CYS A 725 -27.49 -2.33 4.97
N SER A 726 -27.78 -2.53 6.25
CA SER A 726 -27.34 -3.76 6.93
C SER A 726 -27.99 -5.01 6.34
N GLN A 727 -29.08 -4.86 5.58
CA GLN A 727 -29.77 -5.99 4.98
C GLN A 727 -29.35 -6.23 3.52
N THR A 728 -28.50 -5.38 2.97
CA THR A 728 -27.99 -5.58 1.63
C THR A 728 -26.84 -6.58 1.63
N ALA A 729 -26.44 -6.99 0.43
CA ALA A 729 -25.27 -7.84 0.26
C ALA A 729 -23.99 -7.06 -0.05
N TRP A 730 -24.11 -5.77 -0.39
CA TRP A 730 -22.99 -5.00 -0.89
C TRP A 730 -22.54 -3.88 0.02
N SER A 731 -23.36 -3.45 0.97
CA SER A 731 -23.04 -2.28 1.78
C SER A 731 -21.87 -2.57 2.72
N SER A 732 -21.16 -1.51 3.09
CA SER A 732 -20.13 -1.61 4.13
C SER A 732 -20.74 -1.82 5.50
N PHE A 733 -22.06 -1.70 5.63
CA PHE A 733 -22.78 -1.99 6.86
C PHE A 733 -23.28 -3.42 6.95
N SER A 734 -23.19 -4.19 5.87
CA SER A 734 -23.70 -5.56 5.87
C SER A 734 -22.74 -6.49 6.60
N PRO A 735 -23.22 -7.65 7.03
CA PRO A 735 -22.39 -8.55 7.86
C PRO A 735 -21.13 -9.02 7.13
N ASP A 736 -20.02 -9.05 7.88
CA ASP A 736 -18.73 -9.50 7.35
C ASP A 736 -18.01 -10.32 8.42
N PRO A 737 -18.54 -11.50 8.74
CA PRO A 737 -18.03 -12.24 9.93
C PRO A 737 -16.55 -12.59 9.87
N LYS A 738 -15.97 -12.80 8.69
CA LYS A 738 -14.58 -13.21 8.62
C LYS A 738 -13.64 -12.16 9.19
N SER A 739 -14.07 -10.90 9.29
CA SER A 739 -13.24 -9.83 9.82
C SER A 739 -13.78 -9.25 11.13
N GLU A 740 -14.80 -9.88 11.72
CA GLU A 740 -15.41 -9.39 12.94
C GLU A 740 -14.86 -10.15 14.15
N LEU A 741 -14.65 -9.41 15.24
CA LEU A 741 -13.99 -9.93 16.43
C LEU A 741 -14.97 -9.94 17.60
N GLY A 742 -15.21 -11.12 18.16
CA GLY A 742 -16.18 -11.27 19.23
C GLY A 742 -15.59 -11.71 20.54
N ALA A 743 -16.34 -12.48 21.31
CA ALA A 743 -15.90 -12.91 22.63
C ALA A 743 -14.93 -14.08 22.53
N VAL A 744 -14.05 -14.18 23.52
CA VAL A 744 -13.06 -15.25 23.55
C VAL A 744 -13.74 -16.58 23.85
N LYS A 745 -13.45 -17.58 23.05
CA LYS A 745 -14.09 -18.88 23.15
C LYS A 745 -13.46 -19.71 24.27
N PRO A 746 -14.11 -20.83 24.64
CA PRO A 746 -13.55 -21.66 25.72
C PRO A 746 -12.13 -22.14 25.46
N ASP A 747 -11.77 -22.40 24.20
CA ASP A 747 -10.42 -22.84 23.88
C ASP A 747 -9.42 -21.68 23.81
N GLY A 748 -9.84 -20.47 24.19
CA GLY A 748 -8.95 -19.33 24.18
C GLY A 748 -8.74 -18.69 22.83
N ARG A 749 -9.57 -19.01 21.84
CA ARG A 749 -9.41 -18.52 20.48
C ARG A 749 -10.58 -17.61 20.10
N LEU A 750 -10.36 -16.83 19.04
CA LEU A 750 -11.42 -16.05 18.41
C LEU A 750 -11.89 -16.65 17.10
N ARG A 751 -11.03 -17.39 16.42
CA ARG A 751 -11.36 -18.01 15.13
C ARG A 751 -12.08 -19.33 15.34
N GLU B 2 14.51 -17.50 -3.13
CA GLU B 2 15.57 -16.58 -3.51
C GLU B 2 16.33 -16.09 -2.27
N GLU B 3 17.31 -15.21 -2.50
CA GLU B 3 18.12 -14.69 -1.42
C GLU B 3 17.33 -13.64 -0.62
N GLU B 4 17.92 -13.20 0.48
CA GLU B 4 17.32 -12.19 1.35
C GLU B 4 18.12 -10.90 1.27
N GLY B 5 17.49 -9.82 1.76
CA GLY B 5 18.09 -8.50 1.72
C GLY B 5 17.42 -7.61 0.69
N ALA B 6 16.86 -6.48 1.13
CA ALA B 6 16.07 -5.62 0.27
C ALA B 6 16.89 -4.56 -0.46
N GLY B 7 18.16 -4.38 -0.10
CA GLY B 7 18.97 -3.37 -0.76
C GLY B 7 19.28 -3.75 -2.20
N GLY B 8 19.15 -2.77 -3.09
CA GLY B 8 19.32 -3.01 -4.51
C GLY B 8 20.46 -2.24 -5.16
N GLY B 9 21.26 -1.54 -4.35
CA GLY B 9 22.43 -0.84 -4.85
C GLY B 9 22.19 0.64 -5.04
N GLN B 10 23.22 1.29 -5.57
CA GLN B 10 23.21 2.74 -5.72
C GLN B 10 22.28 3.18 -6.83
N GLY B 11 22.20 2.40 -7.92
CA GLY B 11 21.32 2.71 -9.03
C GLY B 11 22.05 3.10 -10.29
C1 NAG C . 10.62 -9.84 -33.79
C2 NAG C . 12.15 -9.66 -33.94
C3 NAG C . 12.63 -10.11 -35.32
C4 NAG C . 11.86 -11.34 -35.76
C5 NAG C . 10.42 -10.92 -36.06
C6 NAG C . 9.44 -12.07 -35.97
C7 NAG C . 12.21 -7.23 -34.40
C8 NAG C . 11.36 -7.50 -35.60
N2 NAG C . 12.56 -8.30 -33.66
O3 NAG C . 14.03 -10.42 -35.26
O4 NAG C . 12.43 -11.86 -36.94
O5 NAG C . 9.98 -9.91 -35.14
O6 NAG C . 9.83 -13.15 -36.82
O7 NAG C . 12.58 -6.09 -34.10
C1' UDX D . 10.32 -5.84 2.30
C2' UDX D . 10.91 -6.62 3.46
O2' UDX D . 10.08 -7.74 3.79
C3' UDX D . 11.01 -5.65 4.63
O3' UDX D . 11.52 -6.25 5.81
C4' UDX D . 11.93 -4.50 4.26
O4' UDX D . 12.01 -3.57 5.35
C5' UDX D . 11.39 -3.81 3.02
O5' UDX D . 11.21 -4.76 1.98
PB UDX D . 8.17 -4.37 1.75
O1B UDX D . 6.90 -5.02 1.32
O2B UDX D . 9.13 -3.82 0.71
O3B UDX D . 9.04 -5.35 2.68
O3A UDX D . 7.82 -3.20 2.80
PA UDX D . 6.39 -3.09 3.55
O1A UDX D . 5.88 -4.46 3.94
O2A UDX D . 5.50 -2.15 2.76
O5D UDX D . 6.88 -2.33 4.88
C5D UDX D . 7.74 -2.97 5.81
C4D UDX D . 7.31 -2.54 7.20
O4D UDX D . 7.42 -1.12 7.33
C3D UDX D . 5.85 -2.90 7.42
O3D UDX D . 5.66 -3.40 8.72
C2D UDX D . 5.10 -1.60 7.23
O2D UDX D . 3.90 -1.50 8.00
C1D UDX D . 6.14 -0.56 7.63
N1 UDX D . 5.93 0.67 6.87
C6 UDX D . 6.37 0.75 5.61
C2 UDX D . 5.29 1.76 7.47
O2 UDX D . 4.89 1.67 8.66
N3 UDX D . 5.10 2.89 6.77
C4 UDX D . 5.53 2.99 5.51
O4 UDX D . 5.35 4.06 4.87
C5 UDX D . 6.17 1.94 4.89
H1' UDX D . 10.23 -6.52 1.43
H2'1 UDX D . 11.92 -6.96 3.19
HO'2 UDX D . 10.04 -8.33 3.03
H3'1 UDX D . 10.01 -5.24 4.82
HO'3 UDX D . 11.53 -5.61 6.53
H4'1 UDX D . 12.93 -4.90 4.04
HO'4 UDX D . 12.60 -2.84 5.12
H5'1 UDX D . 10.43 -3.34 3.25
H5'2 UDX D . 12.08 -3.03 2.70
H5A1 UDX D . 7.66 -4.06 5.72
H5A2 UDX D . 8.77 -2.68 5.63
H4A1 UDX D . 7.94 -3.05 7.96
H3A1 UDX D . 5.54 -3.63 6.65
HOA3 UDX D . 4.73 -3.59 8.87
H2A1 UDX D . 4.87 -1.47 6.15
HOC2 UDX D . 3.28 -2.18 7.71
H1'1 UDX D . 6.05 -0.37 8.71
H61 UDX D . 6.88 -0.08 5.14
HN3 UDX D . 4.62 3.69 7.21
H51 UDX D . 6.52 2.01 3.88
NA NA E . -6.33 -3.72 25.98
P PO4 F . -33.07 1.30 -5.16
O1 PO4 F . -34.18 2.31 -5.10
O2 PO4 F . -32.90 0.66 -3.80
O3 PO4 F . -31.79 2.00 -5.56
O4 PO4 F . -33.40 0.23 -6.17
P PO4 G . -2.89 6.52 5.06
O1 PO4 G . -4.21 6.41 5.81
O2 PO4 G . -2.71 7.93 4.59
O3 PO4 G . -1.76 6.15 5.99
O4 PO4 G . -2.88 5.58 3.88
P PO4 H . -4.40 -1.51 30.20
O1 PO4 H . -3.91 -0.84 31.45
O2 PO4 H . -5.88 -1.25 30.03
O3 PO4 H . -4.17 -3.01 30.29
O4 PO4 H . -3.65 -0.96 29.01
P PO4 I . 1.32 6.06 4.88
O1 PO4 I . 1.83 5.91 6.30
O2 PO4 I . 0.63 7.39 4.74
O3 PO4 I . 0.34 4.95 4.58
O4 PO4 I . 2.49 5.98 3.92
P PO4 J . -5.99 9.20 15.87
O1 PO4 J . -5.08 10.15 16.59
O2 PO4 J . -7.11 9.97 15.21
O3 PO4 J . -6.58 8.23 16.87
O4 PO4 J . -5.22 8.43 14.82
P PO4 K . -5.37 9.48 7.59
O1 PO4 K . -4.82 10.72 8.26
O2 PO4 K . -6.32 8.78 8.53
O3 PO4 K . -4.25 8.55 7.23
O4 PO4 K . -6.11 9.89 6.33
P PO4 L . -22.75 15.25 -0.78
O1 PO4 L . -23.54 15.32 0.50
O2 PO4 L . -22.58 16.65 -1.34
O3 PO4 L . -21.40 14.64 -0.51
O4 PO4 L . -23.50 14.40 -1.79
P PO4 M . 7.82 4.75 -27.52
O1 PO4 M . 8.59 4.77 -26.23
O2 PO4 M . 7.82 6.13 -28.14
O3 PO4 M . 6.38 4.33 -27.25
O4 PO4 M . 8.45 3.77 -28.48
P PO4 N . 22.06 -7.79 30.98
O1 PO4 N . 20.93 -6.89 31.45
O2 PO4 N . 21.49 -8.94 30.19
O3 PO4 N . 22.80 -8.32 32.18
O4 PO4 N . 23.01 -7.00 30.11
C1 EDO O . -8.56 -7.37 -7.59
O1 EDO O . -8.51 -8.15 -6.39
C2 EDO O . -7.15 -7.13 -8.13
O2 EDO O . -6.98 -5.74 -8.44
H11 EDO O . -9.16 -7.88 -8.33
H12 EDO O . -9.04 -6.40 -7.37
HO1 EDO O . -9.39 -8.29 -6.06
H21 EDO O . -6.41 -7.44 -7.39
H22 EDO O . -7.00 -7.73 -9.04
HO2 EDO O . -6.08 -5.60 -8.79
C1 EDO P . 23.75 23.92 7.25
O1 EDO P . 23.70 24.71 8.45
C2 EDO P . 23.40 24.80 6.06
O2 EDO P . 22.14 25.45 6.29
H11 EDO P . 24.74 23.50 7.13
H12 EDO P . 23.03 23.10 7.33
HO1 EDO P . 23.92 24.15 9.21
H21 EDO P . 24.18 25.55 5.91
H22 EDO P . 23.34 24.19 5.16
HO2 EDO P . 21.92 26.00 5.52
C1 EDO Q . 19.39 9.72 12.70
O1 EDO Q . 18.57 9.43 11.56
C2 EDO Q . 18.67 10.68 13.63
O2 EDO Q . 19.50 10.94 14.77
H11 EDO Q . 19.62 8.79 13.23
H12 EDO Q . 20.33 10.16 12.37
HO1 EDO Q . 19.03 8.81 10.97
H21 EDO Q . 18.46 11.61 13.11
H22 EDO Q . 17.73 10.25 13.96
HO2 EDO Q . 19.05 11.56 15.36
C1 EDO R . -1.45 -7.82 -32.87
O1 EDO R . -1.32 -8.91 -31.94
C2 EDO R . -2.69 -6.99 -32.50
O2 EDO R . -3.87 -7.73 -32.79
H11 EDO R . -0.57 -7.19 -32.83
H12 EDO R . -1.56 -8.20 -33.88
HO1 EDO R . -0.54 -9.43 -32.18
H21 EDO R . -2.66 -6.74 -31.44
H22 EDO R . -2.69 -6.06 -33.07
HO2 EDO R . -4.65 -7.19 -32.57
C1 PEG S . -13.29 -1.40 10.30
O1 PEG S . -12.03 -2.05 10.13
C2 PEG S . -14.41 -2.26 9.76
O2 PEG S . -14.48 -3.49 10.50
C3 PEG S . -15.58 -4.30 10.10
C4 PEG S . -15.53 -5.63 10.85
O4 PEG S . -15.63 -5.38 12.26
H11 PEG S . -13.45 -1.20 11.36
H12 PEG S . -13.29 -0.43 9.78
HO1 PEG S . -11.32 -1.48 10.47
H21 PEG S . -15.36 -1.74 9.84
H22 PEG S . -14.23 -2.49 8.71
H31 PEG S . -16.51 -3.78 10.33
H32 PEG S . -15.53 -4.48 9.03
H41 PEG S . -16.36 -6.27 10.53
H42 PEG S . -14.59 -6.14 10.64
HO4 PEG S . -15.60 -6.22 12.74
C1 PEG T . -16.22 20.00 -23.53
O1 PEG T . -14.80 19.95 -23.28
C2 PEG T . -16.77 18.60 -23.78
O2 PEG T . -17.79 18.34 -22.82
C3 PEG T . -18.76 17.39 -23.26
C4 PEG T . -19.99 17.49 -22.37
O4 PEG T . -21.00 16.60 -22.83
H11 PEG T . -16.71 20.46 -22.68
H12 PEG T . -16.39 20.63 -24.40
HO1 PEG T . -14.47 20.84 -23.11
H21 PEG T . -17.18 18.55 -24.79
H22 PEG T . -15.97 17.86 -23.68
H31 PEG T . -19.03 17.58 -24.30
H32 PEG T . -18.33 16.39 -23.20
H41 PEG T . -19.72 17.22 -21.33
H42 PEG T . -20.36 18.51 -22.36
HO4 PEG T . -21.78 16.66 -22.27
#